data_8PHF
#
_entry.id   8PHF
#
_cell.length_a   1.00
_cell.length_b   1.00
_cell.length_c   1.00
_cell.angle_alpha   90.00
_cell.angle_beta   90.00
_cell.angle_gamma   90.00
#
_symmetry.space_group_name_H-M   'P 1'
#
loop_
_entity.id
_entity.type
_entity.pdbx_description
1 polymer 'Complex I assembly factor ACAD9, mitochondrial'
2 non-polymer 'FLAVIN-ADENINE DINUCLEOTIDE'
#
_entity_poly.entity_id   1
_entity_poly.type   'polypeptide(L)'
_entity_poly.pdbx_seq_one_letter_code
;MAFAKELFLGKIKKKEVFPFPEVSQDELNEINQFLGPVEKFFTEEVDSRKIDQEGKIPDETLEKLKSLGLFGLQVPEEYG
GLGFSNTMYSRLGEIISMDGSITVTLAAHQAIGLKGIILAGTEEQKAKYLPKLASGEHIAAFCLTEPASGSDAAAIRSRA
TLSEDKKHYILNGSKVWITNGGLANIFTVFAKTEVVDSDGSVKDKITAFIVERDFGGVTNGKPEDKLGIRGSNTCEVHFE
NTKIPVENILGEVGDGFKVAMNILNSGRFSMGSVVAGLLKRLIEMTAEYACTRKQFNKRLSEFGLIQEKFALMAQKAYVM
ESMTYLTAGMLDQPGFPDCSIEAAMVKVFSSEAAWQCVSEALQILGGLGYTRDYPYERILRDTRILLIFEGTNEILRMYI
ALTGLQHAGRILTTRIHELKQAKVSTVMDTVGRRLRDSLGRTVDLGLTGNHGVVHPSLADSANKFEENTYCFGRTVETLL
LRFGKTIMEEQLVLKRVANILINLYGMTAVLSRASRSIRIGLRNHDHEVLLANTFCVEAYLQNLFSLSQLDKYAPENLDE
QIKKVSQQILEKRAYICAHPLDRTCHHHHHH
;
_entity_poly.pdbx_strand_id   A,B
#
loop_
_chem_comp.id
_chem_comp.type
_chem_comp.name
_chem_comp.formula
FAD non-polymer 'FLAVIN-ADENINE DINUCLEOTIDE' 'C27 H33 N9 O15 P2'
#
# COMPACT_ATOMS: atom_id res chain seq x y z
N ALA A 2 27.97 8.89 16.09
CA ALA A 2 27.37 8.99 14.76
C ALA A 2 26.79 10.38 14.53
N PHE A 3 26.23 10.60 13.34
CA PHE A 3 25.64 11.88 13.01
C PHE A 3 24.27 12.05 13.65
N ALA A 4 23.49 10.97 13.74
CA ALA A 4 22.13 11.06 14.23
C ALA A 4 22.09 11.44 15.72
N LYS A 5 22.99 10.87 16.52
CA LYS A 5 22.97 11.12 17.95
C LYS A 5 23.23 12.59 18.28
N GLU A 6 23.95 13.29 17.40
CA GLU A 6 24.20 14.71 17.62
C GLU A 6 23.06 15.60 17.16
N LEU A 7 22.08 15.05 16.44
CA LEU A 7 20.98 15.86 15.94
C LEU A 7 20.12 16.42 17.08
N PHE A 8 19.85 15.60 18.10
CA PHE A 8 18.96 16.00 19.18
C PHE A 8 19.53 17.13 20.02
N LEU A 9 20.85 17.30 20.05
CA LEU A 9 21.45 18.37 20.84
C LEU A 9 21.37 19.73 20.15
N GLY A 10 20.93 19.77 18.90
CA GLY A 10 20.86 21.02 18.17
C GLY A 10 22.10 21.39 17.40
N LYS A 11 23.06 20.48 17.27
CA LYS A 11 24.31 20.73 16.56
C LYS A 11 24.43 19.75 15.40
N ILE A 12 24.88 20.26 14.25
CA ILE A 12 25.04 19.47 13.05
C ILE A 12 26.52 19.10 12.90
N LYS A 13 26.78 17.80 12.75
CA LYS A 13 28.15 17.31 12.57
C LYS A 13 28.52 17.53 11.11
N LYS A 14 28.89 18.77 10.81
CA LYS A 14 29.11 19.17 9.42
C LYS A 14 30.33 18.49 8.81
N LYS A 15 31.37 18.24 9.61
CA LYS A 15 32.58 17.60 9.09
C LYS A 15 32.31 16.18 8.63
N GLU A 16 31.34 15.49 9.25
CA GLU A 16 31.20 14.06 9.00
C GLU A 16 30.46 13.77 7.71
N VAL A 17 29.38 14.52 7.42
CA VAL A 17 28.44 14.10 6.39
C VAL A 17 28.47 14.96 5.14
N PHE A 18 28.77 16.26 5.23
CA PHE A 18 28.74 17.10 4.04
C PHE A 18 29.83 16.75 3.03
N PRO A 19 31.10 16.54 3.39
CA PRO A 19 32.03 16.00 2.39
C PRO A 19 31.65 14.58 2.04
N PHE A 20 30.98 14.41 0.91
CA PHE A 20 30.39 13.13 0.57
C PHE A 20 31.49 12.08 0.37
N PRO A 21 31.27 10.84 0.80
CA PRO A 21 32.30 9.80 0.58
C PRO A 21 32.61 9.61 -0.89
N GLU A 22 33.90 9.50 -1.19
CA GLU A 22 34.38 9.40 -2.56
C GLU A 22 35.32 8.21 -2.65
N VAL A 23 35.05 7.33 -3.60
CA VAL A 23 35.82 6.09 -3.76
C VAL A 23 36.96 6.33 -4.75
N SER A 24 38.12 5.76 -4.45
CA SER A 24 39.29 5.94 -5.28
C SER A 24 39.11 5.26 -6.64
N GLN A 25 39.92 5.68 -7.60
CA GLN A 25 39.78 5.20 -8.97
C GLN A 25 40.05 3.71 -9.09
N ASP A 26 41.09 3.21 -8.41
CA ASP A 26 41.43 1.79 -8.50
C ASP A 26 40.32 0.93 -7.91
N GLU A 27 39.78 1.33 -6.77
CA GLU A 27 38.69 0.56 -6.17
C GLU A 27 37.45 0.59 -7.06
N LEU A 28 37.16 1.73 -7.68
CA LEU A 28 36.03 1.82 -8.61
C LEU A 28 36.24 0.90 -9.80
N ASN A 29 37.45 0.88 -10.35
CA ASN A 29 37.74 -0.02 -11.46
C ASN A 29 37.55 -1.47 -11.05
N GLU A 30 38.03 -1.83 -9.86
CA GLU A 30 37.88 -3.20 -9.37
C GLU A 30 36.42 -3.58 -9.19
N ILE A 31 35.62 -2.68 -8.62
CA ILE A 31 34.23 -3.02 -8.37
C ILE A 31 33.45 -3.14 -9.68
N ASN A 32 33.71 -2.25 -10.64
CA ASN A 32 33.06 -2.42 -11.95
C ASN A 32 33.49 -3.72 -12.62
N GLN A 33 34.77 -4.08 -12.49
CA GLN A 33 35.24 -5.34 -13.05
C GLN A 33 34.51 -6.52 -12.42
N PHE A 34 34.21 -6.44 -11.12
CA PHE A 34 33.48 -7.54 -10.49
C PHE A 34 32.00 -7.55 -10.88
N LEU A 35 31.35 -6.38 -10.89
CA LEU A 35 29.94 -6.32 -11.28
C LEU A 35 29.71 -6.75 -12.72
N GLY A 36 30.73 -6.67 -13.57
CA GLY A 36 30.59 -7.15 -14.93
C GLY A 36 29.99 -8.55 -15.01
N PRO A 37 30.75 -9.56 -14.57
CA PRO A 37 30.20 -10.92 -14.57
C PRO A 37 28.95 -11.09 -13.73
N VAL A 38 28.83 -10.36 -12.62
CA VAL A 38 27.64 -10.48 -11.78
C VAL A 38 26.40 -10.01 -12.54
N GLU A 39 26.50 -8.84 -13.17
CA GLU A 39 25.38 -8.35 -13.97
C GLU A 39 25.05 -9.31 -15.10
N LYS A 40 26.08 -9.82 -15.78
CA LYS A 40 25.84 -10.76 -16.88
C LYS A 40 25.11 -12.00 -16.38
N PHE A 41 25.58 -12.59 -15.29
CA PHE A 41 24.97 -13.81 -14.77
C PHE A 41 23.52 -13.57 -14.34
N PHE A 42 23.28 -12.48 -13.62
CA PHE A 42 21.92 -12.20 -13.17
C PHE A 42 20.99 -11.93 -14.35
N THR A 43 21.47 -11.26 -15.39
CA THR A 43 20.59 -10.93 -16.51
C THR A 43 20.29 -12.15 -17.37
N GLU A 44 21.30 -12.97 -17.69
CA GLU A 44 21.11 -14.00 -18.71
C GLU A 44 20.71 -15.35 -18.14
N GLU A 45 21.11 -15.67 -16.91
CA GLU A 45 20.89 -17.01 -16.37
C GLU A 45 19.70 -17.09 -15.43
N VAL A 46 19.46 -16.07 -14.62
CA VAL A 46 18.39 -16.11 -13.64
C VAL A 46 17.04 -16.10 -14.35
N ASP A 47 16.17 -17.04 -13.98
CA ASP A 47 14.81 -17.13 -14.48
C ASP A 47 13.88 -16.80 -13.31
N SER A 48 13.60 -15.50 -13.12
CA SER A 48 12.87 -15.06 -11.94
C SER A 48 11.46 -15.65 -11.90
N ARG A 49 10.77 -15.69 -13.03
CA ARG A 49 9.40 -16.18 -13.06
C ARG A 49 9.33 -17.65 -12.66
N LYS A 50 10.24 -18.47 -13.17
CA LYS A 50 10.22 -19.89 -12.84
C LYS A 50 10.54 -20.12 -11.37
N ILE A 51 11.47 -19.36 -10.82
CA ILE A 51 11.80 -19.48 -9.39
C ILE A 51 10.60 -19.09 -8.55
N ASP A 52 9.95 -17.97 -8.89
CA ASP A 52 8.80 -17.53 -8.11
C ASP A 52 7.65 -18.53 -8.19
N GLN A 53 7.39 -19.08 -9.38
CA GLN A 53 6.28 -20.01 -9.53
C GLN A 53 6.57 -21.34 -8.83
N GLU A 54 7.77 -21.90 -9.06
CA GLU A 54 8.08 -23.22 -8.52
C GLU A 54 8.27 -23.17 -7.00
N GLY A 55 8.90 -22.11 -6.50
CA GLY A 55 9.16 -21.98 -5.09
C GLY A 55 10.42 -22.67 -4.60
N LYS A 56 11.22 -23.25 -5.49
CA LYS A 56 12.48 -23.88 -5.11
C LYS A 56 13.58 -23.31 -5.98
N ILE A 57 14.68 -22.89 -5.35
CA ILE A 57 15.82 -22.40 -6.11
C ILE A 57 16.42 -23.53 -6.93
N PRO A 58 16.59 -23.39 -8.24
CA PRO A 58 17.23 -24.44 -9.03
C PRO A 58 18.65 -24.69 -8.56
N ASP A 59 19.08 -25.95 -8.67
CA ASP A 59 20.40 -26.33 -8.21
C ASP A 59 21.49 -25.61 -9.01
N GLU A 60 21.29 -25.49 -10.32
CA GLU A 60 22.35 -24.95 -11.18
C GLU A 60 22.63 -23.48 -10.89
N THR A 61 21.60 -22.67 -10.74
CA THR A 61 21.83 -21.25 -10.49
C THR A 61 22.48 -21.01 -9.13
N LEU A 62 22.05 -21.76 -8.10
CA LEU A 62 22.69 -21.64 -6.80
C LEU A 62 24.14 -22.11 -6.83
N GLU A 63 24.42 -23.20 -7.55
CA GLU A 63 25.78 -23.67 -7.68
C GLU A 63 26.65 -22.65 -8.40
N LYS A 64 26.11 -22.02 -9.45
CA LYS A 64 26.84 -20.97 -10.14
C LYS A 64 27.11 -19.78 -9.21
N LEU A 65 26.12 -19.43 -8.38
CA LEU A 65 26.31 -18.35 -7.42
C LEU A 65 27.41 -18.69 -6.42
N LYS A 66 27.46 -19.96 -5.98
CA LYS A 66 28.57 -20.40 -5.13
C LYS A 66 29.90 -20.29 -5.86
N SER A 67 29.92 -20.65 -7.16
CA SER A 67 31.16 -20.56 -7.92
C SER A 67 31.67 -19.13 -8.00
N LEU A 68 30.77 -18.16 -8.14
CA LEU A 68 31.15 -16.76 -8.07
C LEU A 68 31.65 -16.36 -6.69
N GLY A 69 31.40 -17.17 -5.68
CA GLY A 69 31.83 -16.84 -4.32
C GLY A 69 31.14 -15.60 -3.77
N LEU A 70 29.84 -15.45 -4.03
CA LEU A 70 29.11 -14.28 -3.56
C LEU A 70 28.57 -14.44 -2.14
N PHE A 71 28.53 -15.67 -1.62
CA PHE A 71 28.02 -15.88 -0.27
C PHE A 71 28.83 -15.13 0.78
N GLY A 72 30.10 -14.85 0.50
CA GLY A 72 30.89 -14.04 1.41
C GLY A 72 31.57 -12.89 0.71
N LEU A 73 31.21 -11.66 1.05
CA LEU A 73 31.87 -10.51 0.45
C LEU A 73 32.32 -9.53 1.53
N GLN A 74 31.60 -9.49 2.65
CA GLN A 74 32.07 -8.72 3.80
C GLN A 74 33.04 -9.50 4.67
N VAL A 75 33.23 -10.79 4.37
CA VAL A 75 34.19 -11.61 5.10
C VAL A 75 35.60 -11.08 4.85
N PRO A 76 36.48 -11.05 5.85
CA PRO A 76 37.86 -10.64 5.59
C PRO A 76 38.53 -11.54 4.56
N GLU A 77 39.44 -10.94 3.79
CA GLU A 77 39.99 -11.63 2.62
C GLU A 77 40.77 -12.88 3.00
N GLU A 78 41.37 -12.91 4.19
CA GLU A 78 42.17 -14.08 4.56
C GLU A 78 41.31 -15.30 4.83
N TYR A 79 40.08 -15.10 5.30
CA TYR A 79 39.17 -16.22 5.54
C TYR A 79 38.32 -16.53 4.31
N GLY A 80 38.96 -16.67 3.16
CA GLY A 80 38.27 -16.99 1.93
C GLY A 80 37.30 -15.93 1.43
N GLY A 81 37.13 -14.83 2.16
CA GLY A 81 36.20 -13.81 1.74
C GLY A 81 36.77 -12.89 0.70
N LEU A 82 35.92 -11.97 0.23
CA LEU A 82 36.33 -11.00 -0.77
C LEU A 82 36.85 -9.70 -0.17
N GLY A 83 36.56 -9.44 1.10
CA GLY A 83 37.06 -8.24 1.74
C GLY A 83 36.43 -6.96 1.27
N PHE A 84 35.25 -7.04 0.65
CA PHE A 84 34.59 -5.85 0.13
C PHE A 84 34.19 -4.93 1.27
N SER A 85 34.29 -3.63 1.03
CA SER A 85 33.95 -2.63 2.03
C SER A 85 32.43 -2.47 2.08
N ASN A 86 31.96 -1.47 2.82
CA ASN A 86 30.52 -1.27 2.96
C ASN A 86 29.89 -0.72 1.68
N THR A 87 30.53 0.28 1.06
CA THR A 87 29.95 0.89 -0.13
C THR A 87 29.84 -0.13 -1.27
N MET A 88 30.86 -0.98 -1.41
CA MET A 88 30.80 -2.03 -2.43
C MET A 88 29.64 -2.98 -2.15
N TYR A 89 29.35 -3.24 -0.87
CA TYR A 89 28.21 -4.08 -0.57
C TYR A 89 26.91 -3.46 -1.03
N SER A 90 26.73 -2.14 -0.81
CA SER A 90 25.52 -1.48 -1.28
C SER A 90 25.43 -1.49 -2.81
N ARG A 91 26.56 -1.23 -3.49
CA ARG A 91 26.55 -1.23 -4.94
C ARG A 91 26.19 -2.60 -5.49
N LEU A 92 26.72 -3.67 -4.89
CA LEU A 92 26.39 -5.00 -5.35
C LEU A 92 24.98 -5.40 -4.93
N GLY A 93 24.45 -4.77 -3.86
CA GLY A 93 23.06 -4.97 -3.52
C GLY A 93 22.13 -4.39 -4.57
N GLU A 94 22.49 -3.24 -5.12
CA GLU A 94 21.69 -2.64 -6.20
C GLU A 94 21.55 -3.61 -7.37
N ILE A 95 22.58 -4.42 -7.62
CA ILE A 95 22.54 -5.38 -8.71
C ILE A 95 21.77 -6.63 -8.31
N ILE A 96 22.04 -7.17 -7.11
CA ILE A 96 21.38 -8.41 -6.71
C ILE A 96 19.91 -8.22 -6.36
N SER A 97 19.45 -6.97 -6.26
CA SER A 97 18.06 -6.72 -5.92
C SER A 97 17.06 -7.16 -6.98
N MET A 98 17.50 -7.52 -8.19
CA MET A 98 16.54 -7.76 -9.26
C MET A 98 15.77 -9.06 -9.06
N ASP A 99 16.42 -10.09 -8.53
CA ASP A 99 15.76 -11.39 -8.43
C ASP A 99 14.62 -11.36 -7.41
N GLY A 100 14.88 -10.83 -6.23
CA GLY A 100 13.87 -10.79 -5.18
C GLY A 100 13.90 -11.95 -4.21
N SER A 101 13.91 -13.18 -4.73
CA SER A 101 14.09 -14.34 -3.86
C SER A 101 15.54 -14.49 -3.42
N ILE A 102 16.47 -14.27 -4.34
CA ILE A 102 17.89 -14.50 -4.04
C ILE A 102 18.41 -13.46 -3.05
N THR A 103 17.95 -12.21 -3.15
CA THR A 103 18.44 -11.20 -2.24
C THR A 103 18.13 -11.54 -0.78
N VAL A 104 17.00 -12.20 -0.53
CA VAL A 104 16.67 -12.59 0.84
C VAL A 104 17.63 -13.66 1.35
N THR A 105 17.92 -14.67 0.52
CA THR A 105 18.87 -15.70 0.92
C THR A 105 20.25 -15.10 1.18
N LEU A 106 20.68 -14.18 0.32
CA LEU A 106 22.00 -13.57 0.48
C LEU A 106 22.05 -12.67 1.71
N ALA A 107 20.96 -11.94 2.00
CA ALA A 107 20.94 -11.13 3.22
C ALA A 107 20.94 -12.01 4.46
N ALA A 108 20.27 -13.16 4.40
CA ALA A 108 20.31 -14.10 5.52
C ALA A 108 21.70 -14.68 5.71
N HIS A 109 22.40 -14.94 4.61
CA HIS A 109 23.74 -15.54 4.72
C HIS A 109 24.78 -14.53 5.18
N GLN A 110 24.69 -13.28 4.71
CA GLN A 110 25.77 -12.31 4.88
C GLN A 110 25.50 -11.32 5.99
N ALA A 111 24.39 -10.58 5.91
CA ALA A 111 24.18 -9.46 6.82
C ALA A 111 23.91 -9.91 8.24
N ILE A 112 23.22 -11.05 8.42
CA ILE A 112 22.77 -11.49 9.73
C ILE A 112 23.37 -12.85 10.11
N GLY A 113 23.42 -13.78 9.17
CA GLY A 113 23.80 -15.15 9.48
C GLY A 113 25.17 -15.34 10.08
N LEU A 114 26.22 -15.12 9.29
CA LEU A 114 27.58 -15.25 9.77
C LEU A 114 28.17 -13.95 10.30
N LYS A 115 27.34 -12.91 10.42
CA LYS A 115 27.83 -11.65 10.97
C LYS A 115 28.27 -11.83 12.43
N GLY A 116 27.65 -12.76 13.15
CA GLY A 116 28.00 -12.95 14.55
C GLY A 116 29.41 -13.49 14.73
N ILE A 117 29.82 -14.42 13.87
CA ILE A 117 31.16 -15.00 13.98
C ILE A 117 32.22 -13.91 13.78
N ILE A 118 32.01 -13.04 12.80
CA ILE A 118 32.96 -11.96 12.56
C ILE A 118 32.91 -10.93 13.69
N LEU A 119 31.73 -10.60 14.18
CA LEU A 119 31.59 -9.55 15.17
C LEU A 119 32.18 -9.95 16.52
N ALA A 120 31.81 -11.14 17.01
CA ALA A 120 32.17 -11.52 18.37
C ALA A 120 32.80 -12.90 18.50
N GLY A 121 32.99 -13.63 17.41
CA GLY A 121 33.60 -14.93 17.50
C GLY A 121 35.08 -14.85 17.83
N THR A 122 35.64 -15.99 18.21
CA THR A 122 37.06 -16.08 18.53
C THR A 122 37.85 -16.41 17.27
N GLU A 123 39.17 -16.30 17.39
CA GLU A 123 40.04 -16.58 16.25
C GLU A 123 39.93 -18.03 15.81
N GLU A 124 39.89 -18.96 16.77
CA GLU A 124 39.78 -20.38 16.43
C GLU A 124 38.46 -20.68 15.75
N GLN A 125 37.35 -20.14 16.27
CA GLN A 125 36.06 -20.35 15.64
C GLN A 125 36.03 -19.76 14.23
N LYS A 126 36.60 -18.57 14.07
CA LYS A 126 36.66 -17.95 12.75
C LYS A 126 37.41 -18.84 11.77
N ALA A 127 38.62 -19.25 12.14
CA ALA A 127 39.41 -20.10 11.24
C ALA A 127 38.74 -21.45 11.00
N LYS A 128 37.93 -21.92 11.95
CA LYS A 128 37.27 -23.21 11.79
C LYS A 128 36.08 -23.13 10.84
N TYR A 129 35.30 -22.05 10.90
CA TYR A 129 34.03 -22.00 10.21
C TYR A 129 34.00 -21.04 9.02
N LEU A 130 34.52 -19.82 9.17
CA LEU A 130 34.38 -18.82 8.12
C LEU A 130 34.90 -19.25 6.75
N PRO A 131 36.06 -19.90 6.61
CA PRO A 131 36.49 -20.30 5.26
C PRO A 131 35.50 -21.21 4.56
N LYS A 132 34.84 -22.12 5.28
CA LYS A 132 33.84 -22.97 4.66
C LYS A 132 32.55 -22.21 4.40
N LEU A 133 32.18 -21.29 5.30
CA LEU A 133 30.94 -20.55 5.13
C LEU A 133 31.00 -19.65 3.90
N ALA A 134 32.07 -18.85 3.79
CA ALA A 134 32.20 -17.94 2.64
C ALA A 134 32.42 -18.69 1.34
N SER A 135 32.93 -19.92 1.40
CA SER A 135 33.10 -20.71 0.18
C SER A 135 31.76 -21.05 -0.44
N GLY A 136 30.78 -21.42 0.37
CA GLY A 136 29.45 -21.67 -0.14
C GLY A 136 28.84 -23.00 0.24
N GLU A 137 29.64 -23.91 0.80
CA GLU A 137 29.12 -25.21 1.19
C GLU A 137 28.50 -25.21 2.58
N HIS A 138 28.59 -24.09 3.31
CA HIS A 138 27.92 -23.94 4.59
C HIS A 138 27.15 -22.63 4.59
N ILE A 139 25.94 -22.66 5.15
CA ILE A 139 25.05 -21.50 5.18
C ILE A 139 24.63 -21.25 6.62
N ALA A 140 24.71 -20.00 7.06
CA ALA A 140 24.38 -19.63 8.43
C ALA A 140 22.95 -19.09 8.51
N ALA A 141 22.21 -19.58 9.50
CA ALA A 141 20.85 -19.14 9.76
C ALA A 141 20.77 -18.57 11.17
N PHE A 142 20.10 -17.43 11.31
CA PHE A 142 20.05 -16.67 12.56
C PHE A 142 18.78 -17.04 13.31
N CYS A 143 18.90 -17.95 14.28
CA CYS A 143 17.75 -18.44 15.04
C CYS A 143 17.62 -17.62 16.32
N LEU A 144 16.61 -16.80 16.38
CA LEU A 144 16.35 -15.98 17.56
C LEU A 144 14.92 -16.10 18.06
N THR A 145 13.94 -16.25 17.17
CA THR A 145 12.55 -16.12 17.53
C THR A 145 11.92 -17.48 17.89
N GLU A 146 11.02 -17.45 18.85
CA GLU A 146 10.32 -18.67 19.24
C GLU A 146 8.87 -18.52 18.79
N PRO A 147 8.02 -19.51 19.10
CA PRO A 147 6.62 -19.33 18.76
C PRO A 147 6.05 -18.02 19.32
N ALA A 148 6.51 -17.61 20.50
CA ALA A 148 5.99 -16.39 21.12
C ALA A 148 7.08 -15.41 21.52
N SER A 149 7.98 -15.08 20.61
CA SER A 149 9.02 -14.13 20.89
C SER A 149 9.76 -13.70 19.67
N GLY A 150 9.34 -12.62 19.07
CA GLY A 150 10.07 -12.09 17.94
C GLY A 150 10.74 -10.84 18.43
N SER A 151 9.98 -9.98 19.09
CA SER A 151 10.56 -8.78 19.66
C SER A 151 10.86 -9.02 21.13
N ASP A 152 11.71 -8.19 21.72
CA ASP A 152 12.07 -8.42 23.12
C ASP A 152 12.62 -9.83 23.32
N ALA A 153 13.76 -10.11 22.71
CA ALA A 153 14.35 -11.45 22.81
C ALA A 153 14.81 -11.77 24.23
N ALA A 154 14.64 -10.82 25.14
CA ALA A 154 15.02 -11.05 26.53
C ALA A 154 14.05 -12.01 27.20
N ALA A 155 13.17 -12.62 26.43
CA ALA A 155 12.14 -13.51 26.97
C ALA A 155 12.05 -14.79 26.13
N ILE A 156 13.20 -15.37 25.81
CA ILE A 156 13.23 -16.64 25.10
C ILE A 156 13.03 -17.77 26.10
N ARG A 157 12.48 -18.89 25.62
CA ARG A 157 12.25 -20.06 26.48
C ARG A 157 13.00 -21.29 26.00
N SER A 158 14.07 -21.12 25.23
CA SER A 158 14.91 -22.23 24.83
C SER A 158 15.91 -22.53 25.94
N ARG A 159 15.93 -23.77 26.40
CA ARG A 159 16.67 -24.16 27.59
C ARG A 159 17.99 -24.80 27.19
N ALA A 160 19.10 -24.16 27.55
CA ALA A 160 20.42 -24.73 27.42
C ALA A 160 21.03 -24.81 28.81
N THR A 161 21.42 -26.02 29.22
CA THR A 161 21.98 -26.23 30.54
C THR A 161 23.32 -26.92 30.45
N LEU A 162 24.19 -26.60 31.41
CA LEU A 162 25.54 -27.13 31.43
C LEU A 162 25.55 -28.52 32.06
N SER A 163 26.15 -29.48 31.37
CA SER A 163 26.16 -30.85 31.85
C SER A 163 27.16 -31.01 33.01
N GLU A 164 27.01 -32.11 33.73
CA GLU A 164 27.84 -32.37 34.90
C GLU A 164 29.30 -32.60 34.55
N ASP A 165 29.59 -33.02 33.31
CA ASP A 165 30.97 -33.30 32.91
C ASP A 165 31.72 -32.05 32.45
N LYS A 166 31.06 -30.90 32.42
CA LYS A 166 31.64 -29.59 32.14
C LYS A 166 32.08 -29.44 30.68
N LYS A 167 31.96 -30.48 29.86
CA LYS A 167 32.50 -30.43 28.50
C LYS A 167 31.41 -30.38 27.42
N HIS A 168 30.14 -30.49 27.78
CA HIS A 168 29.05 -30.34 26.82
C HIS A 168 27.92 -29.52 27.43
N TYR A 169 27.34 -28.65 26.61
CA TYR A 169 26.05 -28.03 26.88
C TYR A 169 24.97 -28.85 26.23
N ILE A 170 23.81 -28.94 26.88
CA ILE A 170 22.65 -29.61 26.33
C ILE A 170 21.60 -28.55 26.01
N LEU A 171 21.05 -28.61 24.81
CA LEU A 171 20.15 -27.59 24.28
C LEU A 171 18.83 -28.22 23.86
N ASN A 172 17.73 -27.55 24.22
CA ASN A 172 16.39 -27.97 23.82
C ASN A 172 15.58 -26.71 23.54
N GLY A 173 15.00 -26.64 22.35
CA GLY A 173 14.19 -25.49 21.99
C GLY A 173 13.67 -25.63 20.58
N SER A 174 12.80 -24.69 20.21
CA SER A 174 12.21 -24.64 18.88
C SER A 174 12.16 -23.19 18.42
N LYS A 175 12.40 -22.98 17.13
CA LYS A 175 12.46 -21.63 16.57
C LYS A 175 11.56 -21.53 15.35
N VAL A 176 11.02 -20.33 15.13
CA VAL A 176 10.03 -20.06 14.09
C VAL A 176 10.49 -18.88 13.25
N TRP A 177 10.27 -18.99 11.94
CA TRP A 177 10.58 -17.92 10.98
C TRP A 177 12.07 -17.57 10.99
N ILE A 178 12.87 -18.57 10.65
CA ILE A 178 14.32 -18.42 10.53
C ILE A 178 14.69 -18.58 9.08
N THR A 179 15.21 -17.51 8.47
CA THR A 179 15.45 -17.49 7.04
C THR A 179 16.50 -18.52 6.65
N ASN A 180 16.24 -19.24 5.56
CA ASN A 180 17.14 -20.25 5.03
C ASN A 180 17.46 -21.33 6.06
N GLY A 181 16.50 -21.65 6.93
CA GLY A 181 16.69 -22.72 7.88
C GLY A 181 16.56 -24.11 7.30
N GLY A 182 16.04 -24.24 6.08
CA GLY A 182 15.86 -25.55 5.50
C GLY A 182 17.18 -26.23 5.14
N LEU A 183 18.13 -25.48 4.59
CA LEU A 183 19.39 -26.04 4.11
C LEU A 183 20.61 -25.59 4.91
N ALA A 184 20.45 -24.65 5.83
CA ALA A 184 21.60 -24.14 6.58
C ALA A 184 22.23 -25.26 7.39
N ASN A 185 23.56 -25.25 7.46
CA ASN A 185 24.31 -26.20 8.26
C ASN A 185 24.98 -25.57 9.47
N ILE A 186 24.84 -24.26 9.66
CA ILE A 186 25.35 -23.56 10.83
C ILE A 186 24.26 -22.64 11.35
N PHE A 187 23.95 -22.76 12.65
CA PHE A 187 22.96 -21.93 13.29
C PHE A 187 23.59 -21.15 14.43
N THR A 188 23.25 -19.87 14.53
CA THR A 188 23.63 -19.07 15.69
C THR A 188 22.47 -19.05 16.69
N VAL A 189 22.26 -20.21 17.31
CA VAL A 189 21.14 -20.39 18.22
C VAL A 189 21.33 -19.50 19.44
N PHE A 190 20.27 -18.81 19.84
CA PHE A 190 20.29 -18.00 21.06
C PHE A 190 19.35 -18.64 22.07
N ALA A 191 19.88 -18.99 23.24
CA ALA A 191 19.10 -19.67 24.26
C ALA A 191 19.41 -19.02 25.61
N LYS A 192 18.92 -19.64 26.68
CA LYS A 192 19.14 -19.16 28.03
C LYS A 192 19.76 -20.26 28.88
N THR A 193 20.71 -19.87 29.72
CA THR A 193 21.43 -20.80 30.57
C THR A 193 21.59 -20.18 31.95
N GLU A 194 21.49 -20.99 32.99
CA GLU A 194 21.69 -20.50 34.35
C GLU A 194 23.14 -20.08 34.54
N VAL A 195 23.34 -19.00 35.31
CA VAL A 195 24.66 -18.48 35.61
C VAL A 195 24.77 -18.33 37.12
N VAL A 196 25.95 -18.65 37.65
CA VAL A 196 26.22 -18.60 39.09
C VAL A 196 27.34 -17.59 39.31
N ASP A 197 27.17 -16.74 40.32
CA ASP A 197 28.16 -15.71 40.63
C ASP A 197 28.52 -15.74 42.11
N SER A 198 29.26 -14.73 42.57
CA SER A 198 29.65 -14.67 43.98
C SER A 198 28.44 -14.50 44.89
N ASP A 199 27.39 -13.83 44.41
CA ASP A 199 26.18 -13.64 45.20
C ASP A 199 25.36 -14.93 45.33
N GLY A 200 25.70 -15.98 44.60
CA GLY A 200 24.96 -17.22 44.66
C GLY A 200 23.66 -17.23 43.91
N SER A 201 23.46 -16.31 42.98
CA SER A 201 22.23 -16.26 42.20
C SER A 201 22.21 -17.38 41.16
N VAL A 202 21.00 -17.80 40.79
CA VAL A 202 20.80 -18.87 39.83
C VAL A 202 20.02 -18.25 38.68
N LYS A 203 20.29 -16.97 38.41
CA LYS A 203 19.60 -16.27 37.33
C LYS A 203 19.95 -16.87 35.98
N ASP A 204 19.03 -16.72 35.03
CA ASP A 204 19.21 -17.21 33.67
C ASP A 204 19.62 -16.06 32.76
N LYS A 205 20.65 -16.28 31.95
CA LYS A 205 21.17 -15.28 31.04
C LYS A 205 21.21 -15.83 29.62
N ILE A 206 21.12 -14.93 28.65
CA ILE A 206 21.08 -15.31 27.24
C ILE A 206 22.49 -15.62 26.76
N THR A 207 22.62 -16.70 26.00
CA THR A 207 23.90 -17.11 25.43
C THR A 207 23.71 -17.56 23.99
N ALA A 208 24.78 -17.44 23.20
CA ALA A 208 24.80 -17.85 21.81
C ALA A 208 25.48 -19.19 21.66
N PHE A 209 25.20 -19.87 20.55
CA PHE A 209 25.74 -21.20 20.30
C PHE A 209 25.83 -21.42 18.80
N ILE A 210 27.03 -21.74 18.31
CA ILE A 210 27.21 -22.17 16.93
C ILE A 210 26.92 -23.66 16.87
N VAL A 211 25.87 -24.03 16.15
CA VAL A 211 25.37 -25.39 16.13
C VAL A 211 25.43 -25.92 14.70
N GLU A 212 26.02 -27.09 14.53
CA GLU A 212 26.05 -27.77 13.25
C GLU A 212 24.92 -28.79 13.16
N ARG A 213 24.47 -29.05 11.95
CA ARG A 213 23.48 -30.11 11.74
C ARG A 213 24.06 -31.49 12.02
N ASP A 214 25.38 -31.65 11.87
CA ASP A 214 26.01 -32.93 12.12
C ASP A 214 26.06 -33.31 13.60
N PHE A 215 25.77 -32.37 14.50
CA PHE A 215 25.75 -32.71 15.92
C PHE A 215 24.67 -33.72 16.23
N GLY A 216 23.52 -33.60 15.60
CA GLY A 216 22.42 -34.51 15.82
C GLY A 216 21.35 -33.90 16.70
N GLY A 217 20.12 -34.37 16.52
CA GLY A 217 19.00 -33.86 17.29
C GLY A 217 18.41 -32.57 16.78
N VAL A 218 18.89 -32.05 15.64
CA VAL A 218 18.34 -30.85 15.03
C VAL A 218 17.58 -31.27 13.79
N THR A 219 16.29 -30.95 13.74
CA THR A 219 15.42 -31.43 12.67
C THR A 219 14.79 -30.23 11.97
N ASN A 220 14.61 -30.37 10.65
CA ASN A 220 14.03 -29.33 9.82
C ASN A 220 12.56 -29.65 9.56
N GLY A 221 11.68 -28.66 9.77
CA GLY A 221 10.27 -28.82 9.50
C GLY A 221 9.91 -28.47 8.06
N LYS A 222 8.62 -28.57 7.78
CA LYS A 222 8.14 -28.26 6.44
C LYS A 222 8.26 -26.76 6.18
N PRO A 223 8.66 -26.36 4.98
CA PRO A 223 8.78 -24.93 4.67
C PRO A 223 7.43 -24.23 4.78
N GLU A 224 7.46 -23.00 5.25
CA GLU A 224 6.24 -22.20 5.28
C GLU A 224 5.85 -21.80 3.87
N ASP A 225 4.55 -21.82 3.60
CA ASP A 225 4.04 -21.45 2.28
C ASP A 225 3.91 -19.93 2.26
N LYS A 226 4.98 -19.27 1.87
CA LYS A 226 5.06 -17.83 1.93
C LYS A 226 4.20 -17.19 0.85
N LEU A 227 4.01 -15.88 0.95
CA LEU A 227 3.16 -15.18 0.00
C LEU A 227 3.91 -14.86 -1.28
N GLY A 228 4.89 -13.96 -1.20
CA GLY A 228 5.60 -13.53 -2.39
C GLY A 228 6.93 -14.21 -2.63
N ILE A 229 7.84 -14.15 -1.66
CA ILE A 229 9.21 -14.63 -1.85
C ILE A 229 9.17 -16.13 -1.58
N ARG A 230 8.75 -16.87 -2.61
CA ARG A 230 8.60 -18.31 -2.48
C ARG A 230 9.90 -19.05 -2.72
N GLY A 231 10.94 -18.37 -3.24
CA GLY A 231 12.21 -19.04 -3.44
C GLY A 231 12.94 -19.37 -2.16
N SER A 232 12.99 -18.41 -1.22
CA SER A 232 13.71 -18.63 0.02
C SER A 232 13.02 -19.69 0.86
N ASN A 233 13.80 -20.60 1.42
CA ASN A 233 13.27 -21.74 2.18
C ASN A 233 13.27 -21.38 3.66
N THR A 234 12.16 -20.77 4.10
CA THR A 234 11.96 -20.49 5.52
C THR A 234 11.26 -21.69 6.14
N CYS A 235 11.90 -22.31 7.13
CA CYS A 235 11.41 -23.58 7.64
C CYS A 235 11.28 -23.59 9.16
N GLU A 236 11.02 -24.77 9.71
CA GLU A 236 10.96 -25.01 11.14
C GLU A 236 12.17 -25.80 11.59
N VAL A 237 12.85 -25.32 12.62
CA VAL A 237 14.02 -25.98 13.19
C VAL A 237 13.69 -26.39 14.62
N HIS A 238 13.91 -27.66 14.93
CA HIS A 238 13.63 -28.22 16.25
C HIS A 238 14.92 -28.74 16.85
N PHE A 239 15.21 -28.32 18.08
CA PHE A 239 16.39 -28.75 18.82
C PHE A 239 15.94 -29.73 19.90
N GLU A 240 16.16 -31.02 19.65
CA GLU A 240 15.84 -32.07 20.61
C GLU A 240 17.16 -32.69 21.04
N ASN A 241 17.57 -32.41 22.28
CA ASN A 241 18.80 -32.96 22.86
C ASN A 241 20.02 -32.66 21.99
N THR A 242 20.33 -31.36 21.87
CA THR A 242 21.51 -30.93 21.12
C THR A 242 22.72 -30.91 22.03
N LYS A 243 23.77 -31.62 21.64
CA LYS A 243 25.04 -31.60 22.36
C LYS A 243 25.95 -30.56 21.73
N ILE A 244 26.43 -29.62 22.54
CA ILE A 244 27.23 -28.50 22.06
C ILE A 244 28.58 -28.55 22.79
N PRO A 245 29.70 -28.62 22.07
CA PRO A 245 31.01 -28.52 22.74
C PRO A 245 31.18 -27.15 23.39
N VAL A 246 31.97 -27.12 24.46
CA VAL A 246 32.07 -25.95 25.32
C VAL A 246 32.73 -24.75 24.65
N GLU A 247 33.30 -24.92 23.46
CA GLU A 247 33.96 -23.83 22.77
C GLU A 247 33.07 -23.05 21.82
N ASN A 248 31.79 -23.43 21.70
CA ASN A 248 30.87 -22.73 20.79
C ASN A 248 30.00 -21.75 21.57
N ILE A 249 30.64 -20.72 22.11
CA ILE A 249 29.95 -19.61 22.76
C ILE A 249 30.59 -18.30 22.32
N LEU A 250 29.77 -17.34 21.93
CA LEU A 250 30.27 -16.02 21.56
C LEU A 250 30.48 -15.16 22.81
N GLY A 251 31.55 -14.38 22.80
CA GLY A 251 31.86 -13.50 23.91
C GLY A 251 32.05 -14.24 25.21
N GLU A 252 31.10 -14.11 26.13
CA GLU A 252 31.14 -14.82 27.39
C GLU A 252 29.71 -15.21 27.77
N VAL A 253 29.59 -16.25 28.59
CA VAL A 253 28.28 -16.77 28.95
C VAL A 253 27.53 -15.71 29.75
N GLY A 254 26.47 -15.16 29.17
CA GLY A 254 25.68 -14.15 29.82
C GLY A 254 25.62 -12.83 29.07
N ASP A 255 26.10 -12.82 27.84
CA ASP A 255 26.09 -11.62 27.00
C ASP A 255 25.41 -11.86 25.66
N GLY A 256 24.46 -12.80 25.63
CA GLY A 256 23.80 -13.12 24.38
C GLY A 256 22.94 -11.99 23.85
N PHE A 257 22.31 -11.23 24.76
CA PHE A 257 21.45 -10.13 24.33
C PHE A 257 22.24 -9.04 23.62
N LYS A 258 23.41 -8.69 24.16
CA LYS A 258 24.24 -7.67 23.51
C LYS A 258 24.74 -8.14 22.15
N VAL A 259 25.13 -9.40 22.04
CA VAL A 259 25.58 -9.93 20.76
C VAL A 259 24.44 -9.91 19.75
N ALA A 260 23.23 -10.28 20.18
CA ALA A 260 22.07 -10.23 19.30
C ALA A 260 21.78 -8.81 18.83
N MET A 261 21.82 -7.84 19.76
CA MET A 261 21.56 -6.46 19.40
C MET A 261 22.59 -5.93 18.42
N ASN A 262 23.87 -6.24 18.65
CA ASN A 262 24.90 -5.77 17.74
C ASN A 262 24.85 -6.46 16.38
N ILE A 263 24.42 -7.73 16.35
CA ILE A 263 24.22 -8.38 15.06
C ILE A 263 23.09 -7.70 14.30
N LEU A 264 21.97 -7.40 14.98
CA LEU A 264 20.85 -6.78 14.31
C LEU A 264 21.14 -5.36 13.88
N ASN A 265 21.95 -4.63 14.62
CA ASN A 265 22.18 -3.21 14.37
C ASN A 265 23.28 -2.96 13.34
N SER A 266 23.58 -3.93 12.48
CA SER A 266 24.65 -3.76 11.51
C SER A 266 24.31 -4.23 10.10
N GLY A 267 23.05 -4.60 9.84
CA GLY A 267 22.71 -5.09 8.52
C GLY A 267 21.45 -4.48 7.92
N ARG A 268 21.20 -3.21 8.21
CA ARG A 268 19.97 -2.56 7.79
C ARG A 268 20.18 -1.39 6.84
N PHE A 269 21.41 -1.15 6.37
CA PHE A 269 21.61 -0.11 5.37
C PHE A 269 21.56 -0.63 3.95
N SER A 270 21.87 -1.91 3.74
CA SER A 270 21.90 -2.47 2.39
C SER A 270 20.53 -2.39 1.73
N MET A 271 19.49 -2.83 2.44
CA MET A 271 18.14 -2.73 1.91
C MET A 271 17.63 -1.30 1.86
N GLY A 272 18.45 -0.31 2.19
CA GLY A 272 18.13 1.05 1.83
C GLY A 272 18.34 1.31 0.35
N SER A 273 19.33 0.65 -0.25
CA SER A 273 19.60 0.80 -1.68
C SER A 273 19.07 -0.36 -2.50
N VAL A 274 18.75 -1.49 -1.87
CA VAL A 274 18.11 -2.59 -2.60
C VAL A 274 16.86 -2.10 -3.30
N VAL A 275 16.02 -1.35 -2.57
CA VAL A 275 14.83 -0.77 -3.17
C VAL A 275 15.19 0.11 -4.35
N ALA A 276 16.29 0.88 -4.23
CA ALA A 276 16.74 1.66 -5.37
C ALA A 276 16.95 0.77 -6.58
N GLY A 277 17.70 -0.32 -6.41
CA GLY A 277 17.94 -1.24 -7.51
C GLY A 277 16.67 -1.85 -8.06
N LEU A 278 15.58 -1.73 -7.31
CA LEU A 278 14.25 -2.05 -7.80
C LEU A 278 13.61 -0.86 -8.50
N LEU A 279 13.50 0.28 -7.81
CA LEU A 279 12.65 1.36 -8.29
C LEU A 279 13.15 1.93 -9.60
N LYS A 280 14.46 2.11 -9.72
CA LYS A 280 15.03 2.55 -11.00
C LYS A 280 14.53 1.66 -12.13
N ARG A 281 14.61 0.34 -11.94
CA ARG A 281 14.11 -0.58 -12.96
C ARG A 281 12.65 -0.31 -13.27
N LEU A 282 11.82 -0.10 -12.25
CA LEU A 282 10.43 0.22 -12.51
C LEU A 282 10.30 1.50 -13.33
N ILE A 283 11.07 2.54 -12.98
CA ILE A 283 10.98 3.79 -13.71
C ILE A 283 11.37 3.59 -15.16
N GLU A 284 12.12 2.53 -15.46
CA GLU A 284 12.31 2.18 -16.86
C GLU A 284 11.17 1.32 -17.39
N MET A 285 10.80 0.28 -16.64
CA MET A 285 9.86 -0.71 -17.16
C MET A 285 8.49 -0.12 -17.43
N THR A 286 8.05 0.83 -16.61
CA THR A 286 6.79 1.53 -16.91
C THR A 286 6.98 2.59 -17.99
N ALA A 287 8.15 3.23 -18.06
CA ALA A 287 8.30 4.37 -18.96
C ALA A 287 8.07 3.96 -20.40
N GLU A 288 8.62 2.80 -20.81
CA GLU A 288 8.32 2.28 -22.13
C GLU A 288 6.81 2.16 -22.34
N TYR A 289 6.13 1.53 -21.39
CA TYR A 289 4.67 1.42 -21.48
C TYR A 289 4.01 2.79 -21.46
N ALA A 290 4.63 3.77 -20.82
CA ALA A 290 4.04 5.11 -20.81
C ALA A 290 4.17 5.81 -22.15
N CYS A 291 4.85 5.20 -23.13
CA CYS A 291 5.00 5.80 -24.45
C CYS A 291 4.53 4.90 -25.58
N THR A 292 4.06 3.68 -25.29
CA THR A 292 3.60 2.76 -26.32
C THR A 292 2.10 2.53 -26.29
N ARG A 293 1.35 3.35 -25.55
CA ARG A 293 -0.10 3.21 -25.47
C ARG A 293 -0.74 4.57 -25.74
N LYS A 294 -1.91 4.54 -26.39
CA LYS A 294 -2.59 5.75 -26.84
C LYS A 294 -3.88 5.95 -26.06
N GLN A 295 -4.03 7.15 -25.48
CA GLN A 295 -5.26 7.55 -24.81
C GLN A 295 -5.46 9.05 -25.00
N PHE A 296 -6.72 9.46 -25.15
CA PHE A 296 -7.06 10.85 -25.47
C PHE A 296 -6.40 11.32 -26.77
N ASN A 297 -5.99 10.37 -27.62
CA ASN A 297 -5.21 10.54 -28.84
C ASN A 297 -3.75 10.89 -28.52
N LYS A 298 -3.36 10.89 -27.26
CA LYS A 298 -2.02 11.29 -26.85
C LYS A 298 -1.34 10.17 -26.07
N ARG A 299 -0.01 10.23 -26.01
CA ARG A 299 0.72 9.34 -25.13
C ARG A 299 0.40 9.66 -23.68
N LEU A 300 0.40 8.62 -22.83
CA LEU A 300 0.09 8.82 -21.42
C LEU A 300 1.08 9.74 -20.75
N SER A 301 2.31 9.81 -21.26
CA SER A 301 3.35 10.63 -20.66
C SER A 301 3.01 12.10 -20.68
N GLU A 302 2.05 12.51 -21.51
CA GLU A 302 1.65 13.91 -21.59
C GLU A 302 0.65 14.31 -20.52
N PHE A 303 0.14 13.36 -19.73
CA PHE A 303 -0.81 13.66 -18.67
C PHE A 303 -0.10 14.13 -17.42
N GLY A 304 -0.81 14.93 -16.62
CA GLY A 304 -0.22 15.44 -15.39
C GLY A 304 -0.01 14.37 -14.34
N LEU A 305 -0.96 13.44 -14.21
CA LEU A 305 -0.90 12.46 -13.12
C LEU A 305 0.24 11.48 -13.30
N ILE A 306 0.44 10.99 -14.52
CA ILE A 306 1.57 10.09 -14.78
C ILE A 306 2.88 10.81 -14.54
N GLN A 307 2.94 12.09 -14.91
CA GLN A 307 4.14 12.88 -14.65
C GLN A 307 4.41 12.98 -13.15
N GLU A 308 3.37 13.24 -12.37
CA GLU A 308 3.55 13.32 -10.91
C GLU A 308 4.03 12.00 -10.34
N LYS A 309 3.46 10.89 -10.79
CA LYS A 309 3.87 9.59 -10.27
C LYS A 309 5.33 9.30 -10.62
N PHE A 310 5.74 9.61 -11.85
CA PHE A 310 7.13 9.36 -12.24
C PHE A 310 8.09 10.22 -11.44
N ALA A 311 7.75 11.49 -11.23
CA ALA A 311 8.62 12.35 -10.43
C ALA A 311 8.71 11.86 -8.99
N LEU A 312 7.60 11.39 -8.43
CA LEU A 312 7.63 10.83 -7.09
C LEU A 312 8.54 9.61 -7.00
N MET A 313 8.43 8.70 -7.97
CA MET A 313 9.29 7.52 -7.95
C MET A 313 10.77 7.89 -8.06
N ALA A 314 11.09 8.82 -8.96
CA ALA A 314 12.48 9.25 -9.10
C ALA A 314 12.98 9.92 -7.83
N GLN A 315 12.15 10.75 -7.20
CA GLN A 315 12.54 11.40 -5.95
C GLN A 315 12.85 10.39 -4.86
N LYS A 316 11.99 9.38 -4.71
CA LYS A 316 12.23 8.36 -3.69
C LYS A 316 13.52 7.60 -3.98
N ALA A 317 13.76 7.23 -5.24
CA ALA A 317 14.98 6.51 -5.57
C ALA A 317 16.22 7.34 -5.27
N TYR A 318 16.18 8.63 -5.61
CA TYR A 318 17.33 9.50 -5.35
C TYR A 318 17.58 9.65 -3.86
N VAL A 319 16.54 9.85 -3.07
CA VAL A 319 16.73 10.02 -1.64
C VAL A 319 17.30 8.75 -1.02
N MET A 320 16.80 7.59 -1.43
CA MET A 320 17.34 6.33 -0.88
C MET A 320 18.80 6.15 -1.27
N GLU A 321 19.17 6.52 -2.50
CA GLU A 321 20.58 6.47 -2.88
C GLU A 321 21.41 7.32 -1.93
N SER A 322 20.96 8.56 -1.67
CA SER A 322 21.69 9.44 -0.76
C SER A 322 21.86 8.79 0.60
N MET A 323 20.76 8.32 1.20
CA MET A 323 20.85 7.71 2.53
C MET A 323 21.82 6.53 2.54
N THR A 324 21.64 5.59 1.63
CA THR A 324 22.43 4.36 1.69
C THR A 324 23.90 4.65 1.49
N TYR A 325 24.24 5.49 0.52
CA TYR A 325 25.67 5.68 0.28
C TYR A 325 26.32 6.57 1.33
N LEU A 326 25.61 7.55 1.88
CA LEU A 326 26.17 8.30 3.00
C LEU A 326 26.40 7.39 4.21
N THR A 327 25.44 6.51 4.50
CA THR A 327 25.60 5.59 5.63
C THR A 327 26.75 4.62 5.40
N ALA A 328 26.85 4.06 4.19
CA ALA A 328 27.95 3.14 3.88
C ALA A 328 29.30 3.86 3.89
N GLY A 329 29.32 5.16 3.60
CA GLY A 329 30.55 5.91 3.69
C GLY A 329 30.93 6.28 5.10
N MET A 330 29.94 6.41 6.00
CA MET A 330 30.27 6.67 7.40
C MET A 330 30.91 5.44 8.05
N LEU A 331 30.47 4.25 7.67
CA LEU A 331 30.98 3.03 8.30
C LEU A 331 32.41 2.74 7.86
N ASP A 332 32.76 3.06 6.61
CA ASP A 332 34.08 2.75 6.08
C ASP A 332 35.18 3.61 6.66
N GLN A 333 34.84 4.62 7.46
CA GLN A 333 35.86 5.41 8.12
C GLN A 333 36.62 4.54 9.12
N PRO A 334 37.84 4.93 9.50
CA PRO A 334 38.63 4.11 10.44
C PRO A 334 37.87 3.88 11.74
N GLY A 335 37.98 2.66 12.26
CA GLY A 335 37.17 2.25 13.38
C GLY A 335 35.78 1.85 12.94
N PHE A 336 34.93 1.58 13.92
CA PHE A 336 33.52 1.25 13.68
C PHE A 336 32.66 2.11 14.57
N PRO A 337 32.34 3.33 14.13
CA PRO A 337 31.45 4.19 14.92
C PRO A 337 30.08 3.56 15.07
N ASP A 338 29.44 3.85 16.20
CA ASP A 338 28.13 3.27 16.48
C ASP A 338 27.05 3.93 15.64
N CYS A 339 27.03 3.63 14.35
CA CYS A 339 25.99 4.11 13.45
C CYS A 339 24.82 3.13 13.38
N SER A 340 24.28 2.79 14.54
CA SER A 340 23.13 1.90 14.60
C SER A 340 21.84 2.61 14.22
N ILE A 341 21.72 3.90 14.56
CA ILE A 341 20.51 4.65 14.21
C ILE A 341 20.37 4.78 12.70
N GLU A 342 21.46 5.11 12.01
CA GLU A 342 21.38 5.43 10.59
C GLU A 342 20.93 4.24 9.76
N ALA A 343 21.42 3.04 10.08
CA ALA A 343 21.03 1.86 9.32
C ALA A 343 19.53 1.60 9.43
N ALA A 344 18.99 1.65 10.66
CA ALA A 344 17.56 1.46 10.84
C ALA A 344 16.76 2.55 10.16
N MET A 345 17.24 3.78 10.23
CA MET A 345 16.55 4.90 9.60
C MET A 345 16.46 4.71 8.09
N VAL A 346 17.58 4.35 7.47
CA VAL A 346 17.58 4.10 6.03
C VAL A 346 16.66 2.94 5.70
N LYS A 347 16.66 1.89 6.53
CA LYS A 347 15.79 0.75 6.28
C LYS A 347 14.32 1.15 6.29
N VAL A 348 13.88 1.88 7.30
CA VAL A 348 12.46 2.19 7.41
C VAL A 348 12.03 3.14 6.30
N PHE A 349 12.86 4.15 6.00
CA PHE A 349 12.51 5.06 4.91
C PHE A 349 12.44 4.31 3.58
N SER A 350 13.38 3.41 3.35
CA SER A 350 13.40 2.64 2.12
C SER A 350 12.16 1.76 2.00
N SER A 351 11.76 1.12 3.10
CA SER A 351 10.58 0.26 3.07
C SER A 351 9.32 1.05 2.76
N GLU A 352 9.14 2.19 3.43
CA GLU A 352 7.95 3.02 3.18
C GLU A 352 7.91 3.49 1.72
N ALA A 353 9.04 4.02 1.23
CA ALA A 353 9.08 4.49 -0.15
C ALA A 353 8.86 3.36 -1.13
N ALA A 354 9.37 2.16 -0.82
CA ALA A 354 9.18 1.01 -1.70
C ALA A 354 7.70 0.68 -1.82
N TRP A 355 6.99 0.61 -0.70
CA TRP A 355 5.57 0.29 -0.76
C TRP A 355 4.81 1.34 -1.55
N GLN A 356 5.04 2.62 -1.26
CA GLN A 356 4.31 3.67 -1.95
C GLN A 356 4.59 3.63 -3.46
N CYS A 357 5.86 3.51 -3.84
CA CYS A 357 6.21 3.58 -5.24
C CYS A 357 5.74 2.35 -6.01
N VAL A 358 5.76 1.16 -5.38
CA VAL A 358 5.27 -0.01 -6.08
C VAL A 358 3.76 0.08 -6.28
N SER A 359 3.04 0.61 -5.28
CA SER A 359 1.60 0.84 -5.49
C SER A 359 1.36 1.77 -6.67
N GLU A 360 2.10 2.89 -6.72
CA GLU A 360 1.90 3.82 -7.83
C GLU A 360 2.26 3.19 -9.18
N ALA A 361 3.35 2.43 -9.21
CA ALA A 361 3.79 1.84 -10.47
C ALA A 361 2.80 0.81 -10.99
N LEU A 362 2.24 -0.01 -10.12
CA LEU A 362 1.20 -0.92 -10.61
C LEU A 362 -0.05 -0.16 -10.98
N GLN A 363 -0.30 0.98 -10.33
CA GLN A 363 -1.45 1.80 -10.70
C GLN A 363 -1.33 2.33 -12.12
N ILE A 364 -0.13 2.76 -12.52
CA ILE A 364 0.05 3.31 -13.86
C ILE A 364 -0.28 2.28 -14.92
N LEU A 365 0.19 1.04 -14.74
CA LEU A 365 -0.16 -0.03 -15.67
C LEU A 365 -1.64 -0.40 -15.59
N GLY A 366 -2.34 0.03 -14.55
CA GLY A 366 -3.78 -0.19 -14.48
C GLY A 366 -4.15 -1.65 -14.46
N GLY A 367 -5.16 -2.00 -15.27
CA GLY A 367 -5.66 -3.36 -15.27
C GLY A 367 -4.69 -4.38 -15.79
N LEU A 368 -3.73 -3.98 -16.61
CA LEU A 368 -2.75 -4.93 -17.13
C LEU A 368 -1.76 -5.35 -16.05
N GLY A 369 -1.42 -4.44 -15.14
CA GLY A 369 -0.46 -4.77 -14.10
C GLY A 369 -0.96 -5.84 -13.16
N TYR A 370 -2.27 -5.85 -12.88
CA TYR A 370 -2.82 -6.82 -11.95
C TYR A 370 -2.74 -8.23 -12.49
N THR A 371 -2.54 -8.39 -13.79
CA THR A 371 -2.37 -9.71 -14.38
C THR A 371 -1.06 -10.32 -13.93
N ARG A 372 -1.06 -11.65 -13.77
CA ARG A 372 0.15 -12.35 -13.34
C ARG A 372 1.18 -12.46 -14.45
N ASP A 373 0.77 -12.31 -15.71
CA ASP A 373 1.71 -12.45 -16.83
C ASP A 373 2.81 -11.40 -16.76
N TYR A 374 2.44 -10.16 -16.48
CA TYR A 374 3.45 -9.11 -16.34
C TYR A 374 4.18 -9.26 -15.01
N PRO A 375 5.45 -8.86 -14.95
CA PRO A 375 6.23 -9.04 -13.72
C PRO A 375 5.87 -8.08 -12.60
N TYR A 376 4.95 -7.13 -12.84
CA TYR A 376 4.57 -6.19 -11.79
C TYR A 376 3.88 -6.86 -10.63
N GLU A 377 3.24 -8.01 -10.86
CA GLU A 377 2.63 -8.76 -9.77
C GLU A 377 3.69 -9.29 -8.81
N ARG A 378 4.78 -9.83 -9.35
CA ARG A 378 5.85 -10.36 -8.50
C ARG A 378 6.47 -9.27 -7.65
N ILE A 379 6.69 -8.09 -8.22
CA ILE A 379 7.30 -6.99 -7.49
C ILE A 379 6.41 -6.55 -6.34
N LEU A 380 5.10 -6.43 -6.61
CA LEU A 380 4.17 -6.03 -5.55
C LEU A 380 4.11 -7.07 -4.44
N ARG A 381 4.09 -8.35 -4.79
CA ARG A 381 4.06 -9.39 -3.77
C ARG A 381 5.34 -9.41 -2.94
N ASP A 382 6.50 -9.24 -3.60
CA ASP A 382 7.77 -9.34 -2.90
C ASP A 382 8.10 -8.10 -2.09
N THR A 383 7.61 -6.92 -2.49
CA THR A 383 7.92 -5.70 -1.77
C THR A 383 7.32 -5.71 -0.36
N ARG A 384 6.36 -6.59 -0.10
CA ARG A 384 5.72 -6.62 1.22
C ARG A 384 6.70 -6.97 2.33
N ILE A 385 7.62 -7.91 2.07
CA ILE A 385 8.48 -8.43 3.14
C ILE A 385 9.34 -7.33 3.75
N LEU A 386 9.71 -6.32 2.97
CA LEU A 386 10.60 -5.29 3.51
C LEU A 386 9.94 -4.46 4.60
N LEU A 387 8.63 -4.54 4.76
CA LEU A 387 8.01 -3.97 5.96
C LEU A 387 8.06 -4.91 7.15
N ILE A 388 8.61 -6.12 6.97
CA ILE A 388 8.65 -7.13 8.01
C ILE A 388 10.07 -7.62 8.28
N PHE A 389 10.85 -7.87 7.23
CA PHE A 389 12.09 -8.64 7.35
C PHE A 389 13.15 -7.82 8.09
N GLU A 390 14.11 -8.54 8.67
CA GLU A 390 14.97 -8.09 9.76
C GLU A 390 14.18 -7.25 10.77
N GLY A 391 13.12 -7.84 11.28
CA GLY A 391 12.30 -7.18 12.27
C GLY A 391 11.44 -6.10 11.65
N THR A 392 10.24 -5.90 12.19
CA THR A 392 9.29 -4.98 11.59
C THR A 392 9.80 -3.54 11.70
N ASN A 393 9.45 -2.74 10.69
CA ASN A 393 9.77 -1.32 10.71
C ASN A 393 9.02 -0.58 11.80
N GLU A 394 8.02 -1.21 12.43
CA GLU A 394 7.29 -0.53 13.48
C GLU A 394 8.14 -0.41 14.74
N ILE A 395 8.87 -1.46 15.10
CA ILE A 395 9.74 -1.38 16.27
C ILE A 395 11.03 -0.64 15.95
N LEU A 396 11.48 -0.68 14.69
CA LEU A 396 12.67 0.07 14.27
C LEU A 396 12.47 1.56 14.30
N ARG A 397 11.26 1.98 14.64
CA ARG A 397 10.95 3.38 14.88
C ARG A 397 11.11 3.74 16.34
N MET A 398 11.57 2.79 17.16
CA MET A 398 11.90 3.01 18.55
C MET A 398 13.39 3.26 18.77
N TYR A 399 14.25 2.47 18.10
CA TYR A 399 15.68 2.76 18.12
C TYR A 399 15.94 4.19 17.67
N ILE A 400 15.36 4.57 16.52
CA ILE A 400 15.50 5.92 16.00
C ILE A 400 14.97 6.96 16.96
N ALA A 401 14.05 6.57 17.83
CA ALA A 401 13.34 7.52 18.69
C ALA A 401 14.05 7.74 20.02
N LEU A 402 14.52 6.68 20.66
CA LEU A 402 15.04 6.78 22.02
C LEU A 402 16.53 6.48 22.15
N THR A 403 17.16 5.80 21.18
CA THR A 403 18.60 5.60 21.25
C THR A 403 19.33 6.94 21.22
N GLY A 404 18.72 7.96 20.65
CA GLY A 404 19.26 9.29 20.71
C GLY A 404 18.78 10.06 21.92
N LEU A 405 17.52 9.87 22.29
CA LEU A 405 17.01 10.51 23.50
C LEU A 405 17.75 10.04 24.74
N GLN A 406 18.02 8.74 24.84
CA GLN A 406 18.83 8.24 25.93
C GLN A 406 20.23 8.83 25.89
N HIS A 407 20.81 8.93 24.69
CA HIS A 407 22.08 9.64 24.55
C HIS A 407 21.94 11.11 24.87
N ALA A 408 20.85 11.73 24.42
CA ALA A 408 20.62 13.14 24.74
C ALA A 408 20.26 13.34 26.20
N GLY A 409 19.71 12.31 26.85
CA GLY A 409 19.36 12.43 28.25
C GLY A 409 20.58 12.59 29.14
N ARG A 410 21.65 11.84 28.86
CA ARG A 410 22.86 11.92 29.67
C ARG A 410 23.49 13.31 29.58
N ILE A 411 23.55 13.87 28.37
CA ILE A 411 24.21 15.16 28.18
C ILE A 411 23.46 16.26 28.93
N LEU A 412 22.13 16.28 28.83
CA LEU A 412 21.35 17.32 29.50
C LEU A 412 21.47 17.22 31.01
N THR A 413 21.43 15.99 31.55
CA THR A 413 21.58 15.83 32.99
C THR A 413 22.97 16.26 33.45
N HIS A 451 27.70 27.72 7.41
CA HIS A 451 27.10 26.73 6.53
C HIS A 451 27.51 26.97 5.08
N GLY A 452 28.78 27.30 4.87
CA GLY A 452 29.31 27.54 3.54
C GLY A 452 29.71 26.31 2.75
N VAL A 453 29.59 25.12 3.34
CA VAL A 453 29.94 23.90 2.62
C VAL A 453 28.94 23.64 1.51
N VAL A 454 27.65 23.93 1.75
CA VAL A 454 26.63 23.68 0.74
C VAL A 454 26.79 24.65 -0.42
N HIS A 455 26.45 24.18 -1.62
CA HIS A 455 26.56 25.01 -2.81
C HIS A 455 25.55 26.15 -2.77
N PRO A 456 25.90 27.33 -3.30
CA PRO A 456 24.96 28.45 -3.29
C PRO A 456 23.65 28.17 -3.99
N SER A 457 23.66 27.38 -5.06
CA SER A 457 22.43 27.08 -5.78
C SER A 457 21.39 26.45 -4.85
N LEU A 458 21.83 25.57 -3.96
CA LEU A 458 20.97 25.03 -2.91
C LEU A 458 21.06 25.87 -1.65
N ALA A 459 20.84 27.18 -1.79
CA ALA A 459 20.96 28.07 -0.63
C ALA A 459 19.74 27.96 0.28
N ASP A 460 18.56 28.30 -0.25
CA ASP A 460 17.36 28.39 0.59
C ASP A 460 17.06 27.06 1.26
N SER A 461 17.22 25.95 0.53
CA SER A 461 17.02 24.63 1.13
C SER A 461 17.88 24.46 2.37
N ALA A 462 19.17 24.81 2.27
CA ALA A 462 20.03 24.76 3.44
C ALA A 462 19.50 25.67 4.54
N ASN A 463 19.06 26.88 4.17
CA ASN A 463 18.48 27.78 5.14
C ASN A 463 17.30 27.14 5.86
N LYS A 464 16.54 26.28 5.16
CA LYS A 464 15.48 25.55 5.83
C LYS A 464 16.06 24.48 6.76
N PHE A 465 17.04 23.72 6.27
CA PHE A 465 17.54 22.56 7.01
C PHE A 465 18.01 22.96 8.40
N GLU A 466 18.88 23.97 8.48
CA GLU A 466 19.34 24.46 9.76
C GLU A 466 18.16 24.80 10.66
N GLU A 467 17.20 25.56 10.13
CA GLU A 467 16.00 25.87 10.90
C GLU A 467 15.31 24.60 11.35
N ASN A 468 15.10 23.66 10.42
CA ASN A 468 14.40 22.42 10.74
C ASN A 468 15.17 21.60 11.75
N THR A 469 16.44 21.91 12.00
CA THR A 469 17.13 21.28 13.11
C THR A 469 17.00 22.13 14.37
N TYR A 470 17.24 23.44 14.26
CA TYR A 470 17.41 24.28 15.44
C TYR A 470 16.19 24.18 16.37
N CYS A 471 15.03 24.63 15.88
CA CYS A 471 13.81 24.52 16.65
C CYS A 471 13.59 23.09 17.13
N PHE A 472 13.85 22.12 16.25
CA PHE A 472 13.66 20.71 16.61
C PHE A 472 14.40 20.39 17.90
N GLY A 473 15.66 20.79 17.99
CA GLY A 473 16.42 20.50 19.20
C GLY A 473 15.72 21.02 20.43
N ARG A 474 15.25 22.27 20.38
CA ARG A 474 14.51 22.83 21.49
C ARG A 474 13.36 21.92 21.88
N THR A 475 12.55 21.52 20.91
CA THR A 475 11.43 20.64 21.19
C THR A 475 11.91 19.43 21.98
N VAL A 476 12.96 18.77 21.50
CA VAL A 476 13.44 17.57 22.16
C VAL A 476 13.77 17.87 23.61
N GLU A 477 14.53 18.94 23.86
CA GLU A 477 14.91 19.21 25.24
C GLU A 477 13.68 19.52 26.08
N THR A 478 12.71 20.25 25.49
CA THR A 478 11.47 20.51 26.20
C THR A 478 10.80 19.21 26.60
N LEU A 479 10.78 18.24 25.69
CA LEU A 479 10.24 16.92 26.02
C LEU A 479 10.95 16.36 27.25
N LEU A 480 12.29 16.36 27.23
CA LEU A 480 13.05 15.79 28.33
C LEU A 480 12.75 16.50 29.65
N LEU A 481 12.20 17.72 29.59
CA LEU A 481 11.68 18.32 30.81
C LEU A 481 10.27 17.79 31.08
N ARG A 482 9.34 18.07 30.16
CA ARG A 482 7.93 17.89 30.45
C ARG A 482 7.59 16.43 30.72
N PHE A 483 8.13 15.53 29.91
CA PHE A 483 7.86 14.11 30.10
C PHE A 483 8.74 13.48 31.16
N GLY A 484 9.77 14.18 31.62
CA GLY A 484 10.69 13.59 32.59
C GLY A 484 11.34 12.35 32.01
N LYS A 485 11.19 11.23 32.72
CA LYS A 485 11.68 9.94 32.27
C LYS A 485 10.57 9.05 31.73
N THR A 486 9.37 9.60 31.51
CA THR A 486 8.21 8.83 31.10
C THR A 486 8.09 8.71 29.58
N ILE A 487 9.07 9.21 28.84
CA ILE A 487 8.97 9.26 27.38
C ILE A 487 8.79 7.88 26.76
N MET A 488 9.26 6.83 27.43
CA MET A 488 9.20 5.49 26.86
C MET A 488 7.75 5.07 26.56
N GLU A 489 6.85 5.31 27.51
CA GLU A 489 5.49 4.78 27.38
C GLU A 489 4.66 5.57 26.36
N GLU A 490 4.89 6.87 26.25
CA GLU A 490 4.11 7.71 25.34
C GLU A 490 4.66 7.55 23.92
N GLN A 491 4.35 6.40 23.33
CA GLN A 491 5.00 5.97 22.10
C GLN A 491 4.61 6.79 20.86
N LEU A 492 3.47 7.49 20.90
CA LEU A 492 3.12 8.35 19.76
C LEU A 492 4.11 9.49 19.60
N VAL A 493 4.56 10.07 20.72
CA VAL A 493 5.60 11.09 20.66
C VAL A 493 6.87 10.52 20.07
N LEU A 494 7.20 9.27 20.44
CA LEU A 494 8.39 8.63 19.86
C LEU A 494 8.25 8.45 18.36
N LYS A 495 7.05 8.06 17.89
CA LYS A 495 6.87 7.91 16.45
C LYS A 495 7.00 9.23 15.72
N ARG A 496 6.43 10.31 16.30
CA ARG A 496 6.57 11.62 15.66
C ARG A 496 8.03 12.07 15.61
N VAL A 497 8.78 11.86 16.69
CA VAL A 497 10.19 12.22 16.69
C VAL A 497 10.96 11.38 15.68
N ALA A 498 10.57 10.11 15.53
CA ALA A 498 11.21 9.27 14.53
C ALA A 498 10.97 9.81 13.12
N ASN A 499 9.74 10.24 12.83
CA ASN A 499 9.47 10.84 11.52
C ASN A 499 10.32 12.08 11.30
N ILE A 500 10.39 12.95 12.30
CA ILE A 500 11.15 14.20 12.14
C ILE A 500 12.61 13.89 11.88
N LEU A 501 13.18 12.95 12.63
CA LEU A 501 14.59 12.63 12.45
C LEU A 501 14.86 11.99 11.10
N ILE A 502 13.98 11.08 10.66
CA ILE A 502 14.18 10.45 9.36
C ILE A 502 14.16 11.49 8.25
N ASN A 503 13.21 12.42 8.29
CA ASN A 503 13.15 13.45 7.27
C ASN A 503 14.37 14.37 7.33
N LEU A 504 14.83 14.72 8.53
CA LEU A 504 16.01 15.57 8.62
C LEU A 504 17.24 14.88 8.01
N TYR A 505 17.43 13.60 8.30
CA TYR A 505 18.55 12.88 7.72
C TYR A 505 18.42 12.78 6.21
N GLY A 506 17.22 12.52 5.71
CA GLY A 506 17.03 12.47 4.27
C GLY A 506 17.38 13.78 3.60
N MET A 507 16.91 14.88 4.17
CA MET A 507 17.16 16.19 3.59
C MET A 507 18.65 16.52 3.61
N THR A 508 19.34 16.22 4.70
CA THR A 508 20.78 16.53 4.74
C THR A 508 21.57 15.61 3.81
N ALA A 509 21.16 14.35 3.66
CA ALA A 509 21.86 13.47 2.74
C ALA A 509 21.71 13.93 1.29
N VAL A 510 20.49 14.31 0.89
CA VAL A 510 20.31 14.76 -0.48
C VAL A 510 21.02 16.10 -0.70
N LEU A 511 21.04 16.98 0.31
CA LEU A 511 21.79 18.21 0.17
C LEU A 511 23.27 17.94 -0.05
N SER A 512 23.86 17.04 0.74
CA SER A 512 25.27 16.74 0.59
C SER A 512 25.58 16.12 -0.77
N ARG A 513 24.76 15.15 -1.20
CA ARG A 513 25.02 14.50 -2.47
C ARG A 513 24.88 15.47 -3.64
N ALA A 514 23.87 16.34 -3.60
CA ALA A 514 23.69 17.31 -4.67
C ALA A 514 24.83 18.33 -4.69
N SER A 515 25.29 18.75 -3.51
CA SER A 515 26.44 19.67 -3.48
C SER A 515 27.68 19.02 -4.06
N ARG A 516 27.94 17.76 -3.72
CA ARG A 516 29.07 17.06 -4.32
C ARG A 516 28.93 16.98 -5.83
N SER A 517 27.73 16.61 -6.31
CA SER A 517 27.53 16.46 -7.74
C SER A 517 27.71 17.78 -8.46
N ILE A 518 27.29 18.88 -7.85
CA ILE A 518 27.49 20.19 -8.45
C ILE A 518 28.97 20.53 -8.50
N ARG A 519 29.69 20.36 -7.38
CA ARG A 519 31.09 20.78 -7.34
C ARG A 519 31.95 19.95 -8.28
N ILE A 520 31.73 18.63 -8.33
CA ILE A 520 32.51 17.79 -9.24
C ILE A 520 32.11 18.06 -10.68
N GLY A 521 30.82 18.24 -10.93
CA GLY A 521 30.36 18.54 -12.27
C GLY A 521 29.85 17.33 -13.02
N LEU A 522 29.06 16.50 -12.35
CA LEU A 522 28.51 15.32 -12.99
C LEU A 522 27.50 15.70 -14.07
N ARG A 523 27.24 14.75 -14.96
CA ARG A 523 26.25 14.96 -16.01
C ARG A 523 24.86 15.06 -15.39
N ASN A 524 24.02 15.92 -15.99
CA ASN A 524 22.65 16.13 -15.53
C ASN A 524 22.62 16.56 -14.06
N HIS A 525 23.52 17.49 -13.69
CA HIS A 525 23.55 17.93 -12.31
C HIS A 525 22.34 18.81 -11.95
N ASP A 526 21.79 19.52 -12.94
CA ASP A 526 20.61 20.33 -12.66
C ASP A 526 19.40 19.47 -12.32
N HIS A 527 19.30 18.28 -12.92
CA HIS A 527 18.25 17.35 -12.54
C HIS A 527 18.39 16.95 -11.08
N GLU A 528 19.62 16.70 -10.63
CA GLU A 528 19.85 16.38 -9.23
C GLU A 528 19.50 17.56 -8.33
N VAL A 529 19.81 18.79 -8.78
CA VAL A 529 19.44 19.97 -7.99
C VAL A 529 17.92 20.06 -7.86
N LEU A 530 17.19 19.82 -8.95
CA LEU A 530 15.73 19.87 -8.88
C LEU A 530 15.17 18.83 -7.92
N LEU A 531 15.70 17.60 -7.98
CA LEU A 531 15.24 16.57 -7.05
C LEU A 531 15.54 16.95 -5.61
N ALA A 532 16.74 17.49 -5.36
CA ALA A 532 17.10 17.89 -4.00
C ALA A 532 16.20 19.00 -3.48
N ASN A 533 15.91 20.01 -4.31
CA ASN A 533 15.03 21.09 -3.86
C ASN A 533 13.61 20.58 -3.60
N THR A 534 13.11 19.71 -4.47
CA THR A 534 11.77 19.16 -4.25
C THR A 534 11.71 18.42 -2.92
N PHE A 535 12.69 17.55 -2.65
CA PHE A 535 12.68 16.81 -1.39
C PHE A 535 12.85 17.73 -0.20
N CYS A 536 13.69 18.76 -0.32
CA CYS A 536 13.89 19.68 0.80
C CYS A 536 12.58 20.37 1.15
N VAL A 537 11.85 20.87 0.14
CA VAL A 537 10.61 21.57 0.43
C VAL A 537 9.58 20.62 1.03
N GLU A 538 9.43 19.43 0.43
CA GLU A 538 8.43 18.49 0.93
C GLU A 538 8.72 18.06 2.37
N ALA A 539 9.98 17.71 2.65
CA ALA A 539 10.34 17.29 3.99
C ALA A 539 10.22 18.44 4.99
N TYR A 540 10.53 19.66 4.56
CA TYR A 540 10.36 20.80 5.47
C TYR A 540 8.90 20.98 5.83
N LEU A 541 7.99 20.86 4.86
CA LEU A 541 6.58 20.97 5.18
C LEU A 541 6.13 19.87 6.14
N GLN A 542 6.51 18.63 5.87
CA GLN A 542 6.10 17.52 6.73
C GLN A 542 6.66 17.68 8.15
N ASN A 543 7.92 18.09 8.26
CA ASN A 543 8.51 18.24 9.58
C ASN A 543 7.93 19.43 10.34
N LEU A 544 7.59 20.52 9.64
CA LEU A 544 6.91 21.62 10.32
C LEU A 544 5.55 21.16 10.83
N PHE A 545 4.83 20.37 10.05
CA PHE A 545 3.57 19.82 10.53
C PHE A 545 3.78 18.96 11.78
N SER A 546 4.78 18.08 11.74
CA SER A 546 5.02 17.18 12.87
C SER A 546 5.43 17.95 14.12
N LEU A 547 6.29 18.98 13.97
CA LEU A 547 6.72 19.76 15.12
C LEU A 547 5.60 20.63 15.67
N SER A 548 4.69 21.08 14.81
CA SER A 548 3.64 21.99 15.27
C SER A 548 2.69 21.32 16.26
N GLN A 549 2.52 20.00 16.15
CA GLN A 549 1.56 19.28 16.97
C GLN A 549 2.21 18.56 18.15
N LEU A 550 3.49 18.83 18.42
CA LEU A 550 4.16 18.24 19.58
C LEU A 550 4.12 19.15 20.79
N ASP A 551 3.41 20.28 20.71
CA ASP A 551 3.29 21.20 21.83
C ASP A 551 2.04 20.89 22.65
N LYS A 552 2.10 21.20 23.94
CA LYS A 552 0.98 20.94 24.83
C LYS A 552 -0.24 21.78 24.45
N TYR A 553 -0.03 23.07 24.15
CA TYR A 553 -1.12 23.99 23.87
C TYR A 553 -1.51 23.99 22.40
N ALA A 554 -1.14 22.96 21.65
CA ALA A 554 -1.51 22.86 20.25
C ALA A 554 -2.80 22.06 20.12
N PRO A 555 -3.88 22.64 19.56
CA PRO A 555 -5.11 21.87 19.39
C PRO A 555 -5.01 20.77 18.35
N GLU A 556 -3.92 20.73 17.58
CA GLU A 556 -3.71 19.69 16.59
C GLU A 556 -3.39 18.34 17.22
N ASN A 557 -3.18 18.27 18.53
CA ASN A 557 -2.86 17.02 19.19
C ASN A 557 -4.09 16.11 19.23
N LEU A 558 -3.88 14.83 18.88
CA LEU A 558 -4.92 13.81 18.94
C LEU A 558 -4.53 12.63 19.81
N ASP A 559 -3.56 12.81 20.71
CA ASP A 559 -3.09 11.68 21.52
C ASP A 559 -4.20 11.12 22.42
N GLU A 560 -4.97 12.01 23.05
CA GLU A 560 -5.97 11.55 24.01
C GLU A 560 -7.16 10.90 23.31
N GLN A 561 -7.66 11.51 22.24
CA GLN A 561 -8.84 10.99 21.57
C GLN A 561 -8.57 9.62 20.93
N ILE A 562 -7.40 9.48 20.30
CA ILE A 562 -7.02 8.18 19.75
C ILE A 562 -6.92 7.14 20.86
N LYS A 563 -6.35 7.52 22.01
CA LYS A 563 -6.25 6.60 23.12
C LYS A 563 -7.63 6.12 23.58
N LYS A 564 -8.56 7.07 23.75
CA LYS A 564 -9.90 6.73 24.22
C LYS A 564 -10.62 5.83 23.21
N VAL A 565 -10.58 6.19 21.93
CA VAL A 565 -11.27 5.41 20.92
C VAL A 565 -10.69 4.01 20.83
N SER A 566 -9.36 3.91 20.84
CA SER A 566 -8.71 2.62 20.74
C SER A 566 -9.01 1.75 21.94
N GLN A 567 -9.00 2.32 23.16
CA GLN A 567 -9.30 1.52 24.33
C GLN A 567 -10.75 1.04 24.31
N GLN A 568 -11.67 1.87 23.84
CA GLN A 568 -13.06 1.45 23.73
C GLN A 568 -13.19 0.28 22.75
N ILE A 569 -12.56 0.38 21.58
CA ILE A 569 -12.65 -0.70 20.60
C ILE A 569 -12.03 -1.97 21.16
N LEU A 570 -10.88 -1.84 21.83
CA LEU A 570 -10.19 -3.02 22.35
C LEU A 570 -10.98 -3.69 23.45
N GLU A 571 -11.69 -2.91 24.29
CA GLU A 571 -12.55 -3.54 25.29
C GLU A 571 -13.76 -4.20 24.64
N LYS A 572 -14.28 -3.64 23.54
CA LYS A 572 -15.43 -4.25 22.88
C LYS A 572 -15.04 -5.50 22.09
N ARG A 573 -13.77 -5.64 21.71
CA ARG A 573 -13.21 -6.74 20.94
C ARG A 573 -13.61 -6.70 19.47
N ALA A 574 -14.40 -5.71 19.06
CA ALA A 574 -14.85 -5.59 17.68
C ALA A 574 -15.36 -4.17 17.47
N TYR A 575 -15.92 -3.93 16.30
CA TYR A 575 -16.44 -2.59 15.99
C TYR A 575 -17.68 -2.32 16.84
N ILE A 576 -17.62 -1.29 17.67
CA ILE A 576 -18.69 -1.01 18.61
C ILE A 576 -19.84 -0.23 17.95
N CYS A 577 -19.56 0.62 16.99
CA CYS A 577 -20.61 1.42 16.36
C CYS A 577 -21.57 0.53 15.57
N ALA A 578 -22.85 0.86 15.63
CA ALA A 578 -23.89 0.07 15.00
C ALA A 578 -24.30 0.70 13.66
N HIS A 579 -25.08 -0.07 12.90
CA HIS A 579 -25.55 0.40 11.61
C HIS A 579 -26.47 1.61 11.77
N PRO A 580 -26.50 2.52 10.80
CA PRO A 580 -27.42 3.65 10.90
C PRO A 580 -28.85 3.31 10.54
N LEU A 581 -29.10 2.17 9.89
CA LEU A 581 -30.47 1.75 9.63
C LEU A 581 -31.19 1.40 10.93
N ASP A 582 -30.50 0.74 11.85
CA ASP A 582 -31.10 0.43 13.14
C ASP A 582 -31.39 1.71 13.91
N ARG A 583 -32.58 1.79 14.50
CA ARG A 583 -33.00 2.98 15.21
C ARG A 583 -33.63 2.59 16.55
N THR A 584 -33.56 3.50 17.50
CA THR A 584 -34.15 3.31 18.82
C THR A 584 -35.27 4.33 19.02
N CYS A 585 -36.42 3.85 19.48
CA CYS A 585 -37.58 4.70 19.69
C CYS A 585 -37.34 5.69 20.81
N ALA B 2 -27.72 17.39 -7.07
CA ALA B 2 -26.88 16.72 -6.09
C ALA B 2 -26.31 17.72 -5.09
N PHE B 3 -25.80 17.19 -3.97
CA PHE B 3 -25.18 18.04 -2.96
C PHE B 3 -23.79 18.50 -3.37
N ALA B 4 -23.05 17.63 -4.07
CA ALA B 4 -21.67 17.95 -4.43
C ALA B 4 -21.60 19.14 -5.40
N LYS B 5 -22.52 19.19 -6.37
CA LYS B 5 -22.45 20.24 -7.38
C LYS B 5 -22.65 21.63 -6.78
N GLU B 6 -23.33 21.72 -5.63
CA GLU B 6 -23.53 23.00 -4.98
C GLU B 6 -22.34 23.43 -4.13
N LEU B 7 -21.37 22.55 -3.91
CA LEU B 7 -20.22 22.89 -3.07
C LEU B 7 -19.36 23.96 -3.72
N PHE B 8 -19.21 23.91 -5.05
CA PHE B 8 -18.33 24.83 -5.75
C PHE B 8 -18.81 26.27 -5.64
N LEU B 9 -20.12 26.48 -5.66
CA LEU B 9 -20.66 27.83 -5.59
C LEU B 9 -20.48 28.47 -4.23
N GLY B 10 -20.08 27.70 -3.21
CA GLY B 10 -19.88 28.24 -1.89
C GLY B 10 -21.11 28.22 -1.00
N LYS B 11 -22.13 27.44 -1.35
CA LYS B 11 -23.35 27.34 -0.58
C LYS B 11 -23.59 25.90 -0.18
N ILE B 12 -24.04 25.70 1.06
CA ILE B 12 -24.37 24.38 1.59
C ILE B 12 -25.88 24.27 1.67
N LYS B 13 -26.43 23.22 1.06
CA LYS B 13 -27.88 23.04 1.03
C LYS B 13 -28.34 22.56 2.40
N LYS B 14 -28.72 23.52 3.25
CA LYS B 14 -29.33 23.18 4.53
C LYS B 14 -30.73 22.63 4.32
N LYS B 15 -31.29 22.06 5.39
CA LYS B 15 -32.53 21.29 5.32
C LYS B 15 -32.41 20.12 4.34
N GLU B 16 -31.19 19.67 4.10
CA GLU B 16 -30.90 18.56 3.22
C GLU B 16 -29.57 17.96 3.64
N VAL B 17 -29.40 16.67 3.41
CA VAL B 17 -28.20 15.92 3.77
C VAL B 17 -28.09 15.80 5.29
N PHE B 18 -28.16 16.93 5.99
CA PHE B 18 -28.08 16.89 7.45
C PHE B 18 -29.15 16.03 8.10
N PRO B 19 -30.43 16.07 7.69
CA PRO B 19 -31.35 15.03 8.16
C PRO B 19 -31.02 13.71 7.50
N PHE B 20 -30.41 12.80 8.27
CA PHE B 20 -29.90 11.55 7.70
C PHE B 20 -31.06 10.70 7.19
N PRO B 21 -30.86 9.97 6.10
CA PRO B 21 -31.91 9.09 5.58
C PRO B 21 -32.32 8.04 6.59
N GLU B 22 -33.62 8.05 6.94
CA GLU B 22 -34.18 7.17 7.95
C GLU B 22 -35.12 6.17 7.29
N VAL B 23 -34.95 4.89 7.62
CA VAL B 23 -35.75 3.81 7.05
C VAL B 23 -36.75 3.34 8.08
N SER B 24 -38.00 3.16 7.65
CA SER B 24 -39.07 2.76 8.56
C SER B 24 -38.83 1.34 9.08
N GLN B 25 -39.62 0.97 10.08
CA GLN B 25 -39.35 -0.27 10.82
C GLN B 25 -39.63 -1.51 10.00
N ASP B 26 -40.70 -1.49 9.19
CA ASP B 26 -41.12 -2.71 8.50
C ASP B 26 -40.09 -3.19 7.49
N GLU B 27 -39.50 -2.27 6.71
CA GLU B 27 -38.48 -2.70 5.75
C GLU B 27 -37.29 -3.30 6.49
N LEU B 28 -36.87 -2.68 7.58
CA LEU B 28 -35.76 -3.21 8.36
C LEU B 28 -36.07 -4.60 8.88
N ASN B 29 -37.29 -4.81 9.40
CA ASN B 29 -37.65 -6.12 9.93
C ASN B 29 -37.62 -7.18 8.83
N GLU B 30 -38.29 -6.90 7.71
CA GLU B 30 -38.34 -7.89 6.64
C GLU B 30 -36.96 -8.15 6.06
N ILE B 31 -36.07 -7.15 6.05
CA ILE B 31 -34.76 -7.42 5.49
C ILE B 31 -33.87 -8.16 6.49
N ASN B 32 -34.12 -8.02 7.79
CA ASN B 32 -33.46 -8.93 8.72
C ASN B 32 -33.92 -10.37 8.49
N GLN B 33 -35.23 -10.56 8.26
CA GLN B 33 -35.70 -11.90 7.93
C GLN B 33 -35.02 -12.42 6.66
N PHE B 34 -34.77 -11.54 5.69
CA PHE B 34 -34.09 -11.97 4.46
C PHE B 34 -32.62 -12.29 4.73
N LEU B 35 -31.91 -11.41 5.44
CA LEU B 35 -30.49 -11.57 5.71
C LEU B 35 -30.18 -12.77 6.59
N GLY B 36 -31.16 -13.26 7.36
CA GLY B 36 -30.95 -14.48 8.11
C GLY B 36 -30.35 -15.58 7.27
N PRO B 37 -31.11 -16.07 6.29
CA PRO B 37 -30.56 -17.09 5.38
C PRO B 37 -29.31 -16.64 4.63
N VAL B 38 -29.21 -15.37 4.24
CA VAL B 38 -28.05 -14.92 3.48
C VAL B 38 -26.79 -14.99 4.33
N GLU B 39 -26.84 -14.43 5.55
CA GLU B 39 -25.70 -14.50 6.44
C GLU B 39 -25.36 -15.93 6.78
N LYS B 40 -26.37 -16.77 7.02
CA LYS B 40 -26.11 -18.17 7.31
C LYS B 40 -25.40 -18.85 6.14
N PHE B 41 -25.86 -18.59 4.91
CA PHE B 41 -25.30 -19.27 3.75
C PHE B 41 -23.85 -18.84 3.51
N PHE B 42 -23.55 -17.55 3.60
CA PHE B 42 -22.16 -17.13 3.48
C PHE B 42 -21.30 -17.66 4.62
N THR B 43 -21.88 -17.81 5.81
CA THR B 43 -21.07 -18.27 6.94
C THR B 43 -20.74 -19.76 6.84
N GLU B 44 -21.70 -20.58 6.40
CA GLU B 44 -21.49 -22.02 6.46
C GLU B 44 -21.01 -22.62 5.14
N GLU B 45 -21.68 -22.27 4.03
CA GLU B 45 -21.44 -22.96 2.76
C GLU B 45 -20.31 -22.34 1.94
N VAL B 46 -19.89 -21.12 2.25
CA VAL B 46 -18.86 -20.45 1.47
C VAL B 46 -17.49 -20.88 1.99
N ASP B 47 -16.69 -21.48 1.10
CA ASP B 47 -15.32 -21.86 1.41
C ASP B 47 -14.41 -20.91 0.66
N SER B 48 -14.10 -19.78 1.29
CA SER B 48 -13.34 -18.72 0.62
C SER B 48 -11.95 -19.21 0.24
N ARG B 49 -11.29 -19.94 1.13
CA ARG B 49 -9.94 -20.42 0.85
C ARG B 49 -9.93 -21.38 -0.34
N LYS B 50 -10.88 -22.31 -0.39
CA LYS B 50 -10.93 -23.26 -1.49
C LYS B 50 -11.21 -22.57 -2.82
N ILE B 51 -12.10 -21.58 -2.83
CA ILE B 51 -12.39 -20.83 -4.04
C ILE B 51 -11.15 -20.07 -4.50
N ASP B 52 -10.47 -19.40 -3.56
CA ASP B 52 -9.28 -18.63 -3.94
C ASP B 52 -8.18 -19.53 -4.47
N GLN B 53 -7.97 -20.69 -3.83
CA GLN B 53 -6.90 -21.58 -4.28
C GLN B 53 -7.22 -22.22 -5.62
N GLU B 54 -8.44 -22.76 -5.76
CA GLU B 54 -8.78 -23.47 -6.98
C GLU B 54 -9.02 -22.52 -8.14
N GLY B 55 -9.62 -21.36 -7.87
CA GLY B 55 -9.88 -20.39 -8.91
C GLY B 55 -11.15 -20.62 -9.70
N LYS B 56 -11.97 -21.58 -9.31
CA LYS B 56 -13.23 -21.86 -9.99
C LYS B 56 -14.36 -21.89 -8.96
N ILE B 57 -15.41 -21.14 -9.24
CA ILE B 57 -16.57 -21.13 -8.33
C ILE B 57 -17.27 -22.49 -8.39
N PRO B 58 -17.50 -23.14 -7.25
CA PRO B 58 -18.21 -24.43 -7.27
C PRO B 58 -19.63 -24.26 -7.79
N ASP B 59 -20.12 -25.30 -8.47
CA ASP B 59 -21.44 -25.22 -9.07
C ASP B 59 -22.53 -25.10 -8.00
N GLU B 60 -22.40 -25.84 -6.90
CA GLU B 60 -23.42 -25.83 -5.87
C GLU B 60 -23.58 -24.45 -5.24
N THR B 61 -22.46 -23.77 -4.97
CA THR B 61 -22.53 -22.45 -4.35
C THR B 61 -23.22 -21.45 -5.26
N LEU B 62 -22.88 -21.46 -6.56
CA LEU B 62 -23.53 -20.56 -7.50
C LEU B 62 -25.00 -20.89 -7.64
N GLU B 63 -25.36 -22.18 -7.67
CA GLU B 63 -26.76 -22.56 -7.77
C GLU B 63 -27.55 -22.07 -6.56
N LYS B 64 -26.98 -22.25 -5.37
CA LYS B 64 -27.66 -21.73 -4.18
C LYS B 64 -27.76 -20.23 -4.21
N LEU B 65 -26.73 -19.53 -4.70
CA LEU B 65 -26.81 -18.08 -4.80
C LEU B 65 -27.92 -17.66 -5.75
N LYS B 66 -28.12 -18.42 -6.83
CA LYS B 66 -29.28 -18.19 -7.67
C LYS B 66 -30.57 -18.41 -6.90
N SER B 67 -30.60 -19.44 -6.05
CA SER B 67 -31.83 -19.74 -5.30
C SER B 67 -32.20 -18.61 -4.36
N LEU B 68 -31.23 -18.05 -3.65
CA LEU B 68 -31.51 -16.91 -2.78
C LEU B 68 -31.91 -15.66 -3.56
N GLY B 69 -31.56 -15.58 -4.84
CA GLY B 69 -32.01 -14.47 -5.65
C GLY B 69 -31.30 -13.16 -5.45
N LEU B 70 -30.00 -13.19 -5.12
CA LEU B 70 -29.22 -11.96 -5.06
C LEU B 70 -28.94 -11.37 -6.44
N PHE B 71 -29.26 -12.10 -7.51
CA PHE B 71 -28.97 -11.62 -8.85
C PHE B 71 -29.87 -10.46 -9.26
N GLY B 72 -30.98 -10.24 -8.56
CA GLY B 72 -31.92 -9.21 -8.94
C GLY B 72 -32.23 -8.21 -7.85
N LEU B 73 -31.19 -7.78 -7.11
CA LEU B 73 -31.44 -6.91 -5.96
C LEU B 73 -32.04 -5.58 -6.37
N GLN B 74 -31.60 -5.00 -7.48
CA GLN B 74 -32.17 -3.76 -7.96
C GLN B 74 -33.20 -3.95 -9.07
N VAL B 75 -33.41 -5.19 -9.52
CA VAL B 75 -34.40 -5.46 -10.58
C VAL B 75 -35.80 -5.27 -10.00
N PRO B 76 -36.71 -4.61 -10.71
CA PRO B 76 -38.07 -4.44 -10.18
C PRO B 76 -38.78 -5.78 -10.02
N GLU B 77 -39.74 -5.81 -9.09
CA GLU B 77 -40.44 -7.05 -8.77
C GLU B 77 -41.21 -7.59 -9.96
N GLU B 78 -41.80 -6.69 -10.76
CA GLU B 78 -42.61 -7.14 -11.90
C GLU B 78 -41.80 -7.95 -12.89
N TYR B 79 -40.49 -7.70 -12.97
CA TYR B 79 -39.60 -8.43 -13.88
C TYR B 79 -38.84 -9.54 -13.17
N GLY B 80 -39.41 -10.09 -12.10
CA GLY B 80 -38.79 -11.18 -11.38
C GLY B 80 -37.75 -10.78 -10.36
N GLY B 81 -37.47 -9.48 -10.21
CA GLY B 81 -36.50 -9.02 -9.26
C GLY B 81 -37.07 -8.86 -7.86
N LEU B 82 -36.28 -8.24 -7.00
CA LEU B 82 -36.68 -7.99 -5.63
C LEU B 82 -37.05 -6.54 -5.36
N GLY B 83 -36.62 -5.62 -6.21
CA GLY B 83 -36.98 -4.22 -6.06
C GLY B 83 -36.45 -3.56 -4.81
N PHE B 84 -35.28 -3.96 -4.35
CA PHE B 84 -34.68 -3.32 -3.19
C PHE B 84 -34.20 -1.92 -3.57
N SER B 85 -34.37 -0.98 -2.65
CA SER B 85 -33.93 0.38 -2.91
C SER B 85 -32.41 0.46 -2.87
N ASN B 86 -31.89 1.66 -3.19
CA ASN B 86 -30.45 1.86 -3.19
C ASN B 86 -29.85 1.66 -1.82
N THR B 87 -30.51 2.17 -0.77
CA THR B 87 -30.01 2.00 0.59
C THR B 87 -29.93 0.53 0.96
N MET B 88 -30.95 -0.24 0.60
CA MET B 88 -30.98 -1.65 0.99
C MET B 88 -29.92 -2.43 0.25
N TYR B 89 -29.61 -2.02 -0.99
CA TYR B 89 -28.50 -2.63 -1.70
C TYR B 89 -27.19 -2.41 -0.98
N SER B 90 -26.97 -1.19 -0.46
CA SER B 90 -25.75 -0.93 0.29
C SER B 90 -25.71 -1.76 1.57
N ARG B 91 -26.85 -1.87 2.26
CA ARG B 91 -26.86 -2.65 3.50
C ARG B 91 -26.55 -4.12 3.24
N LEU B 92 -27.08 -4.67 2.14
CA LEU B 92 -26.76 -6.06 1.83
C LEU B 92 -25.33 -6.20 1.32
N GLY B 93 -24.81 -5.17 0.64
CA GLY B 93 -23.42 -5.19 0.22
C GLY B 93 -22.44 -5.09 1.36
N GLU B 94 -22.88 -4.57 2.50
CA GLU B 94 -22.03 -4.57 3.68
C GLU B 94 -21.63 -5.99 4.09
N ILE B 95 -22.51 -6.97 3.88
CA ILE B 95 -22.24 -8.35 4.24
C ILE B 95 -21.94 -9.23 3.03
N ILE B 96 -22.20 -8.76 1.82
CA ILE B 96 -21.92 -9.57 0.64
C ILE B 96 -20.43 -9.70 0.36
N SER B 97 -19.60 -8.89 1.01
CA SER B 97 -18.17 -8.80 0.70
C SER B 97 -17.32 -9.79 1.47
N MET B 98 -17.93 -10.70 2.22
CA MET B 98 -17.13 -11.63 3.02
C MET B 98 -16.33 -12.57 2.15
N ASP B 99 -16.89 -13.03 1.02
CA ASP B 99 -16.16 -13.97 0.18
C ASP B 99 -14.98 -13.29 -0.51
N GLY B 100 -15.21 -12.13 -1.11
CA GLY B 100 -14.13 -11.41 -1.77
C GLY B 100 -14.08 -11.62 -3.26
N SER B 101 -14.40 -12.82 -3.71
CA SER B 101 -14.43 -13.14 -5.13
C SER B 101 -15.82 -13.06 -5.74
N ILE B 102 -16.84 -13.57 -5.04
CA ILE B 102 -18.20 -13.51 -5.56
C ILE B 102 -18.73 -12.09 -5.55
N THR B 103 -18.22 -11.22 -4.66
CA THR B 103 -18.70 -9.85 -4.65
C THR B 103 -18.45 -9.16 -5.98
N VAL B 104 -17.30 -9.41 -6.61
CA VAL B 104 -17.01 -8.82 -7.90
C VAL B 104 -17.93 -9.37 -8.98
N THR B 105 -18.16 -10.69 -8.97
CA THR B 105 -19.06 -11.29 -9.95
C THR B 105 -20.46 -10.69 -9.85
N LEU B 106 -20.97 -10.56 -8.63
CA LEU B 106 -22.33 -10.03 -8.46
C LEU B 106 -22.40 -8.53 -8.72
N ALA B 107 -21.32 -7.78 -8.43
CA ALA B 107 -21.29 -6.38 -8.82
C ALA B 107 -21.32 -6.23 -10.33
N ALA B 108 -20.61 -7.11 -11.04
CA ALA B 108 -20.66 -7.10 -12.49
C ALA B 108 -22.05 -7.47 -13.00
N HIS B 109 -22.71 -8.43 -12.34
CA HIS B 109 -24.02 -8.87 -12.82
C HIS B 109 -25.11 -7.83 -12.55
N GLN B 110 -25.04 -7.11 -11.44
CA GLN B 110 -26.09 -6.16 -11.09
C GLN B 110 -25.72 -4.70 -11.35
N ALA B 111 -24.59 -4.25 -10.81
CA ALA B 111 -24.30 -2.82 -10.80
C ALA B 111 -24.14 -2.26 -12.21
N ILE B 112 -23.44 -2.99 -13.09
CA ILE B 112 -23.12 -2.51 -14.42
C ILE B 112 -23.69 -3.40 -15.52
N GLY B 113 -23.66 -4.72 -15.33
CA GLY B 113 -24.04 -5.65 -16.38
C GLY B 113 -25.41 -5.45 -16.99
N LEU B 114 -26.48 -5.69 -16.22
CA LEU B 114 -27.84 -5.51 -16.71
C LEU B 114 -28.39 -4.13 -16.36
N LYS B 115 -27.56 -3.23 -15.83
CA LYS B 115 -28.03 -1.89 -15.53
C LYS B 115 -28.48 -1.16 -16.79
N GLY B 116 -27.87 -1.47 -17.93
CA GLY B 116 -28.24 -0.79 -19.16
C GLY B 116 -29.67 -1.08 -19.59
N ILE B 117 -30.09 -2.35 -19.48
CA ILE B 117 -31.45 -2.72 -19.87
C ILE B 117 -32.47 -1.96 -19.03
N ILE B 118 -32.24 -1.85 -17.73
CA ILE B 118 -33.16 -1.15 -16.85
C ILE B 118 -33.12 0.35 -17.12
N LEU B 119 -31.93 0.90 -17.34
CA LEU B 119 -31.80 2.35 -17.50
C LEU B 119 -32.41 2.83 -18.81
N ALA B 120 -32.09 2.17 -19.92
CA ALA B 120 -32.49 2.68 -21.23
C ALA B 120 -33.06 1.63 -22.17
N GLY B 121 -33.20 0.38 -21.74
CA GLY B 121 -33.73 -0.63 -22.62
C GLY B 121 -35.20 -0.42 -22.94
N THR B 122 -35.61 -0.97 -24.08
CA THR B 122 -37.00 -0.91 -24.49
C THR B 122 -37.84 -1.86 -23.63
N GLU B 123 -39.13 -1.56 -23.51
CA GLU B 123 -40.02 -2.38 -22.69
C GLU B 123 -40.07 -3.81 -23.19
N GLU B 124 -40.13 -4.00 -24.52
CA GLU B 124 -40.11 -5.34 -25.07
C GLU B 124 -38.81 -6.06 -24.75
N GLN B 125 -37.67 -5.36 -24.86
CA GLN B 125 -36.40 -5.95 -24.48
C GLN B 125 -36.38 -6.31 -23.00
N LYS B 126 -36.93 -5.44 -22.16
CA LYS B 126 -37.01 -5.74 -20.74
C LYS B 126 -37.77 -7.04 -20.50
N ALA B 127 -38.98 -7.13 -21.06
CA ALA B 127 -39.78 -8.34 -20.86
C ALA B 127 -39.12 -9.57 -21.49
N LYS B 128 -38.33 -9.38 -22.53
CA LYS B 128 -37.70 -10.51 -23.19
C LYS B 128 -36.53 -11.06 -22.37
N TYR B 129 -35.70 -10.19 -21.80
CA TYR B 129 -34.46 -10.63 -21.19
C TYR B 129 -34.44 -10.52 -19.68
N LEU B 130 -34.87 -9.39 -19.11
CA LEU B 130 -34.65 -9.12 -17.69
C LEU B 130 -35.20 -10.20 -16.75
N PRO B 131 -36.41 -10.74 -16.95
CA PRO B 131 -36.86 -11.80 -16.02
C PRO B 131 -35.94 -13.01 -15.99
N LYS B 132 -35.36 -13.39 -17.13
CA LYS B 132 -34.42 -14.51 -17.11
C LYS B 132 -33.08 -14.11 -16.50
N LEU B 133 -32.66 -12.86 -16.71
CA LEU B 133 -31.39 -12.41 -16.14
C LEU B 133 -31.45 -12.38 -14.62
N ALA B 134 -32.51 -11.80 -14.06
CA ALA B 134 -32.64 -11.70 -12.62
C ALA B 134 -32.84 -13.06 -11.97
N SER B 135 -33.28 -14.07 -12.71
CA SER B 135 -33.43 -15.41 -12.17
C SER B 135 -32.12 -16.14 -12.03
N GLY B 136 -31.07 -15.68 -12.72
CA GLY B 136 -29.75 -16.27 -12.60
C GLY B 136 -29.34 -17.19 -13.74
N GLU B 137 -30.25 -17.55 -14.63
CA GLU B 137 -29.87 -18.39 -15.76
C GLU B 137 -29.03 -17.62 -16.78
N HIS B 138 -29.26 -16.32 -16.89
CA HIS B 138 -28.50 -15.46 -17.80
C HIS B 138 -27.68 -14.46 -17.00
N ILE B 139 -26.45 -14.23 -17.43
CA ILE B 139 -25.53 -13.32 -16.77
C ILE B 139 -25.08 -12.27 -17.77
N ALA B 140 -25.11 -11.01 -17.36
CA ALA B 140 -24.76 -9.90 -18.25
C ALA B 140 -23.33 -9.46 -18.02
N ALA B 141 -22.59 -9.26 -19.11
CA ALA B 141 -21.21 -8.81 -19.06
C ALA B 141 -21.11 -7.51 -19.86
N PHE B 142 -20.45 -6.51 -19.27
CA PHE B 142 -20.43 -5.16 -19.83
C PHE B 142 -19.17 -5.00 -20.69
N CYS B 143 -19.33 -5.22 -22.00
CA CYS B 143 -18.21 -5.18 -22.93
C CYS B 143 -18.04 -3.77 -23.47
N LEU B 144 -16.98 -3.11 -23.06
CA LEU B 144 -16.70 -1.76 -23.51
C LEU B 144 -15.29 -1.58 -24.05
N THR B 145 -14.30 -2.25 -23.47
CA THR B 145 -12.89 -1.94 -23.75
C THR B 145 -12.30 -2.86 -24.80
N GLU B 146 -11.52 -2.27 -25.70
CA GLU B 146 -10.68 -2.87 -26.73
C GLU B 146 -9.29 -3.14 -26.17
N PRO B 147 -8.53 -4.05 -26.79
CA PRO B 147 -7.16 -4.29 -26.29
C PRO B 147 -6.31 -3.04 -26.22
N ALA B 148 -6.48 -2.11 -27.15
CA ALA B 148 -5.78 -0.82 -27.12
C ALA B 148 -6.70 0.31 -26.69
N SER B 149 -7.58 0.05 -25.73
CA SER B 149 -8.54 1.04 -25.26
C SER B 149 -8.58 0.99 -23.74
N GLY B 150 -9.60 1.62 -23.17
CA GLY B 150 -9.70 1.80 -21.73
C GLY B 150 -10.50 3.04 -21.41
N SER B 151 -9.92 3.96 -20.66
CA SER B 151 -10.51 5.28 -20.50
C SER B 151 -10.62 5.95 -21.87
N ASP B 152 -11.57 6.86 -22.00
CA ASP B 152 -11.81 7.50 -23.30
C ASP B 152 -12.17 6.42 -24.30
N ALA B 153 -13.31 5.77 -24.08
CA ALA B 153 -13.71 4.66 -24.95
C ALA B 153 -14.30 5.15 -26.28
N ALA B 154 -14.34 6.45 -26.51
CA ALA B 154 -14.83 6.93 -27.80
C ALA B 154 -14.08 6.31 -28.96
N ALA B 155 -12.86 5.84 -28.74
CA ALA B 155 -12.02 5.29 -29.81
C ALA B 155 -12.05 3.76 -29.82
N ILE B 156 -13.22 3.21 -30.14
CA ILE B 156 -13.37 1.76 -30.25
C ILE B 156 -13.15 1.34 -31.69
N ARG B 157 -12.57 0.16 -31.88
CA ARG B 157 -12.25 -0.37 -33.20
C ARG B 157 -13.07 -1.62 -33.50
N SER B 158 -14.33 -1.64 -33.07
CA SER B 158 -15.26 -2.70 -33.41
C SER B 158 -16.33 -2.14 -34.35
N ARG B 159 -16.51 -2.80 -35.50
CA ARG B 159 -17.36 -2.27 -36.55
C ARG B 159 -18.69 -3.01 -36.59
N ALA B 160 -19.77 -2.26 -36.51
CA ALA B 160 -21.12 -2.77 -36.73
C ALA B 160 -21.74 -1.98 -37.86
N THR B 161 -22.24 -2.68 -38.87
CA THR B 161 -22.81 -2.03 -40.05
C THR B 161 -24.12 -2.70 -40.44
N LEU B 162 -24.97 -1.90 -41.10
CA LEU B 162 -26.25 -2.40 -41.57
C LEU B 162 -26.05 -3.37 -42.72
N SER B 163 -27.04 -4.25 -42.91
CA SER B 163 -27.00 -5.20 -44.01
C SER B 163 -27.77 -4.64 -45.20
N GLU B 164 -27.77 -5.41 -46.30
CA GLU B 164 -28.45 -4.96 -47.51
C GLU B 164 -29.96 -4.86 -47.29
N ASP B 165 -30.55 -5.85 -46.62
CA ASP B 165 -31.97 -5.82 -46.34
C ASP B 165 -32.33 -4.88 -45.20
N LYS B 166 -31.35 -4.35 -44.48
CA LYS B 166 -31.55 -3.44 -43.35
C LYS B 166 -32.39 -4.08 -42.25
N LYS B 167 -32.39 -5.41 -42.17
CA LYS B 167 -33.18 -6.15 -41.20
C LYS B 167 -32.32 -6.70 -40.07
N HIS B 168 -30.99 -6.68 -40.21
CA HIS B 168 -30.12 -7.13 -39.14
C HIS B 168 -28.74 -6.50 -39.31
N TYR B 169 -28.12 -6.18 -38.18
CA TYR B 169 -26.79 -5.60 -38.11
C TYR B 169 -25.74 -6.71 -38.13
N ILE B 170 -24.60 -6.41 -38.74
CA ILE B 170 -23.43 -7.29 -38.71
C ILE B 170 -22.38 -6.63 -37.83
N LEU B 171 -21.80 -7.42 -36.93
CA LEU B 171 -20.87 -6.93 -35.93
C LEU B 171 -19.57 -7.71 -36.00
N ASN B 172 -18.45 -7.01 -35.85
CA ASN B 172 -17.13 -7.64 -35.83
C ASN B 172 -16.24 -6.84 -34.90
N GLY B 173 -15.72 -7.49 -33.87
CA GLY B 173 -14.85 -6.83 -32.92
C GLY B 173 -14.42 -7.79 -31.83
N SER B 174 -13.54 -7.30 -30.96
CA SER B 174 -13.04 -8.09 -29.84
C SER B 174 -12.97 -7.21 -28.59
N LYS B 175 -13.11 -7.84 -27.43
CA LYS B 175 -13.06 -7.15 -26.15
C LYS B 175 -12.13 -7.90 -25.21
N VAL B 176 -11.48 -7.15 -24.32
CA VAL B 176 -10.33 -7.65 -23.57
C VAL B 176 -10.66 -7.88 -22.09
N TRP B 177 -11.10 -6.85 -21.37
CA TRP B 177 -11.31 -6.92 -19.93
C TRP B 177 -12.79 -6.77 -19.63
N ILE B 178 -13.47 -7.89 -19.43
CA ILE B 178 -14.89 -7.90 -19.07
C ILE B 178 -15.07 -8.90 -17.94
N THR B 179 -15.68 -8.44 -16.84
CA THR B 179 -15.85 -9.32 -15.70
C THR B 179 -16.95 -10.32 -15.98
N ASN B 180 -16.70 -11.59 -15.64
CA ASN B 180 -17.65 -12.68 -15.86
C ASN B 180 -18.00 -12.86 -17.33
N GLY B 181 -17.05 -12.56 -18.22
CA GLY B 181 -17.29 -12.77 -19.64
C GLY B 181 -17.20 -14.21 -20.07
N GLY B 182 -16.60 -15.07 -19.24
CA GLY B 182 -16.48 -16.47 -19.61
C GLY B 182 -17.80 -17.21 -19.63
N LEU B 183 -18.66 -16.95 -18.64
CA LEU B 183 -19.92 -17.67 -18.51
C LEU B 183 -21.13 -16.84 -18.91
N ALA B 184 -20.97 -15.54 -19.14
CA ALA B 184 -22.11 -14.69 -19.47
C ALA B 184 -22.77 -15.14 -20.77
N ASN B 185 -24.09 -15.05 -20.80
CA ASN B 185 -24.86 -15.40 -21.99
C ASN B 185 -25.49 -14.19 -22.66
N ILE B 186 -25.35 -13.00 -22.08
CA ILE B 186 -25.85 -11.77 -22.69
C ILE B 186 -24.81 -10.68 -22.47
N PHE B 187 -24.38 -10.04 -23.55
CA PHE B 187 -23.40 -8.97 -23.50
C PHE B 187 -24.03 -7.67 -23.96
N THR B 188 -23.68 -6.58 -23.29
CA THR B 188 -24.02 -5.24 -23.75
C THR B 188 -22.85 -4.65 -24.53
N VAL B 189 -22.65 -5.20 -25.73
CA VAL B 189 -21.53 -4.82 -26.57
C VAL B 189 -21.69 -3.38 -27.02
N PHE B 190 -20.60 -2.61 -26.96
CA PHE B 190 -20.58 -1.26 -27.49
C PHE B 190 -19.66 -1.24 -28.70
N ALA B 191 -20.21 -0.80 -29.84
CA ALA B 191 -19.46 -0.83 -31.09
C ALA B 191 -19.70 0.47 -31.84
N LYS B 192 -19.23 0.54 -33.08
CA LYS B 192 -19.38 1.73 -33.89
C LYS B 192 -20.19 1.41 -35.14
N THR B 193 -20.92 2.43 -35.61
CA THR B 193 -21.75 2.31 -36.80
C THR B 193 -21.84 3.67 -37.46
N GLU B 194 -21.84 3.69 -38.79
CA GLU B 194 -22.02 4.93 -39.52
C GLU B 194 -23.45 5.44 -39.38
N VAL B 195 -23.60 6.75 -39.33
CA VAL B 195 -24.91 7.39 -39.23
C VAL B 195 -25.03 8.41 -40.35
N VAL B 196 -26.21 8.47 -40.97
CA VAL B 196 -26.49 9.36 -42.09
C VAL B 196 -27.59 10.32 -41.66
N ASP B 197 -27.41 11.60 -41.99
CA ASP B 197 -28.38 12.64 -41.64
C ASP B 197 -28.73 13.49 -42.84
N SER B 198 -29.44 14.60 -42.61
CA SER B 198 -29.82 15.49 -43.71
C SER B 198 -28.61 16.09 -44.38
N ASP B 199 -27.49 16.24 -43.65
CA ASP B 199 -26.28 16.81 -44.22
C ASP B 199 -25.55 15.84 -45.14
N GLY B 200 -25.97 14.58 -45.20
CA GLY B 200 -25.28 13.61 -46.02
C GLY B 200 -23.95 13.16 -45.45
N SER B 201 -23.76 13.30 -44.15
CA SER B 201 -22.50 12.97 -43.50
C SER B 201 -22.39 11.47 -43.25
N VAL B 202 -21.15 11.02 -43.07
CA VAL B 202 -20.88 9.60 -42.86
C VAL B 202 -20.14 9.48 -41.53
N LYS B 203 -20.51 10.33 -40.56
CA LYS B 203 -19.88 10.21 -39.24
C LYS B 203 -20.18 8.86 -38.61
N ASP B 204 -19.23 8.39 -37.80
CA ASP B 204 -19.34 7.12 -37.09
C ASP B 204 -19.66 7.40 -35.63
N LYS B 205 -20.67 6.73 -35.10
CA LYS B 205 -21.08 6.91 -33.72
C LYS B 205 -21.18 5.56 -33.04
N ILE B 206 -21.01 5.57 -31.72
CA ILE B 206 -21.04 4.33 -30.94
C ILE B 206 -22.47 3.98 -30.58
N THR B 207 -22.79 2.69 -30.66
CA THR B 207 -24.11 2.17 -30.33
C THR B 207 -23.97 0.91 -29.50
N ALA B 208 -25.02 0.62 -28.73
CA ALA B 208 -25.07 -0.57 -27.89
C ALA B 208 -25.76 -1.71 -28.62
N PHE B 209 -25.54 -2.93 -28.12
CA PHE B 209 -26.11 -4.13 -28.72
C PHE B 209 -26.23 -5.20 -27.64
N ILE B 210 -27.43 -5.74 -27.48
CA ILE B 210 -27.66 -6.87 -26.59
C ILE B 210 -27.43 -8.14 -27.41
N VAL B 211 -26.34 -8.85 -27.11
CA VAL B 211 -25.89 -9.96 -27.93
C VAL B 211 -25.93 -11.23 -27.09
N GLU B 212 -26.58 -12.26 -27.61
CA GLU B 212 -26.61 -13.56 -26.96
C GLU B 212 -25.48 -14.44 -27.48
N ARG B 213 -25.10 -15.42 -26.67
CA ARG B 213 -24.10 -16.40 -27.09
C ARG B 213 -24.65 -17.42 -28.06
N ASP B 214 -25.97 -17.47 -28.24
CA ASP B 214 -26.58 -18.38 -29.21
C ASP B 214 -26.66 -17.80 -30.61
N PHE B 215 -26.35 -16.51 -30.78
CA PHE B 215 -26.36 -15.91 -32.11
C PHE B 215 -25.29 -16.49 -33.01
N GLY B 216 -24.23 -17.04 -32.45
CA GLY B 216 -23.15 -17.57 -33.26
C GLY B 216 -22.11 -16.52 -33.60
N GLY B 217 -20.86 -16.96 -33.69
CA GLY B 217 -19.77 -16.07 -34.00
C GLY B 217 -19.13 -15.38 -32.81
N VAL B 218 -19.68 -15.56 -31.62
CA VAL B 218 -19.08 -15.01 -30.40
C VAL B 218 -18.35 -16.14 -29.70
N THR B 219 -17.02 -16.01 -29.61
CA THR B 219 -16.18 -17.06 -29.07
C THR B 219 -15.42 -16.56 -27.86
N ASN B 220 -15.17 -17.46 -26.92
CA ASN B 220 -14.45 -17.15 -25.69
C ASN B 220 -13.08 -17.81 -25.70
N GLY B 221 -12.09 -17.11 -25.15
CA GLY B 221 -10.74 -17.61 -25.04
C GLY B 221 -10.45 -18.21 -23.68
N LYS B 222 -9.18 -18.27 -23.34
CA LYS B 222 -8.81 -18.79 -22.03
C LYS B 222 -8.93 -17.68 -20.97
N PRO B 223 -9.38 -18.03 -19.76
CA PRO B 223 -9.44 -17.02 -18.70
C PRO B 223 -8.05 -16.49 -18.37
N GLU B 224 -7.99 -15.20 -18.03
CA GLU B 224 -6.72 -14.58 -17.66
C GLU B 224 -6.42 -14.87 -16.19
N ASP B 225 -5.20 -15.34 -15.93
CA ASP B 225 -4.78 -15.72 -14.58
C ASP B 225 -4.54 -14.46 -13.76
N LYS B 226 -5.58 -14.06 -13.03
CA LYS B 226 -5.49 -12.85 -12.24
C LYS B 226 -4.63 -13.07 -11.00
N LEU B 227 -4.36 -11.98 -10.28
CA LEU B 227 -3.57 -12.07 -9.06
C LEU B 227 -4.45 -12.48 -7.88
N GLY B 228 -5.41 -11.63 -7.50
CA GLY B 228 -6.13 -11.85 -6.27
C GLY B 228 -7.43 -12.61 -6.37
N ILE B 229 -8.39 -12.10 -7.13
CA ILE B 229 -9.74 -12.67 -7.16
C ILE B 229 -9.73 -13.76 -8.22
N ARG B 230 -9.28 -14.95 -7.80
CA ARG B 230 -9.27 -16.08 -8.71
C ARG B 230 -10.66 -16.63 -8.97
N GLY B 231 -11.63 -16.29 -8.11
CA GLY B 231 -12.99 -16.78 -8.31
C GLY B 231 -13.66 -16.22 -9.55
N SER B 232 -13.44 -14.93 -9.82
CA SER B 232 -14.03 -14.31 -11.01
C SER B 232 -13.47 -14.95 -12.27
N ASN B 233 -14.28 -14.97 -13.32
CA ASN B 233 -13.90 -15.56 -14.60
C ASN B 233 -13.83 -14.43 -15.62
N THR B 234 -12.67 -13.77 -15.67
CA THR B 234 -12.41 -12.74 -16.66
C THR B 234 -11.83 -13.39 -17.90
N CYS B 235 -12.44 -13.12 -19.06
CA CYS B 235 -12.06 -13.84 -20.26
C CYS B 235 -11.88 -12.91 -21.46
N GLU B 236 -11.70 -13.51 -22.64
CA GLU B 236 -11.60 -12.80 -23.90
C GLU B 236 -12.75 -13.22 -24.80
N VAL B 237 -13.43 -12.24 -25.38
CA VAL B 237 -14.55 -12.50 -26.28
C VAL B 237 -14.22 -11.91 -27.65
N HIS B 238 -14.41 -12.72 -28.69
CA HIS B 238 -14.24 -12.28 -30.06
C HIS B 238 -15.59 -12.38 -30.77
N PHE B 239 -16.05 -11.26 -31.33
CA PHE B 239 -17.24 -11.22 -32.16
C PHE B 239 -16.78 -11.19 -33.62
N GLU B 240 -16.99 -12.30 -34.33
CA GLU B 240 -16.75 -12.35 -35.77
C GLU B 240 -18.06 -12.73 -36.44
N ASN B 241 -18.49 -11.90 -37.40
CA ASN B 241 -19.72 -12.14 -38.15
C ASN B 241 -20.92 -12.35 -37.23
N THR B 242 -21.11 -11.43 -36.30
CA THR B 242 -22.25 -11.50 -35.38
C THR B 242 -23.48 -10.90 -36.03
N LYS B 243 -24.58 -11.66 -36.04
CA LYS B 243 -25.85 -11.21 -36.58
C LYS B 243 -26.71 -10.71 -35.42
N ILE B 244 -27.16 -9.47 -35.50
CA ILE B 244 -27.95 -8.86 -34.44
C ILE B 244 -29.25 -8.34 -35.04
N PRO B 245 -30.42 -8.80 -34.57
CA PRO B 245 -31.68 -8.17 -35.00
C PRO B 245 -31.71 -6.71 -34.57
N VAL B 246 -32.40 -5.89 -35.38
CA VAL B 246 -32.38 -4.45 -35.16
C VAL B 246 -33.00 -4.08 -33.82
N GLU B 247 -33.90 -4.92 -33.30
CA GLU B 247 -34.55 -4.62 -32.03
C GLU B 247 -33.59 -4.61 -30.85
N ASN B 248 -32.37 -5.11 -31.01
CA ASN B 248 -31.37 -5.08 -29.95
C ASN B 248 -30.55 -3.81 -30.08
N ILE B 249 -31.11 -2.71 -29.58
CA ILE B 249 -30.43 -1.43 -29.55
C ILE B 249 -31.02 -0.62 -28.40
N LEU B 250 -30.19 0.24 -27.81
CA LEU B 250 -30.59 1.04 -26.66
C LEU B 250 -30.80 2.49 -27.07
N GLY B 251 -31.90 3.08 -26.63
CA GLY B 251 -32.23 4.44 -26.99
C GLY B 251 -32.43 4.63 -28.47
N GLU B 252 -31.52 5.36 -29.10
CA GLU B 252 -31.52 5.51 -30.55
C GLU B 252 -30.09 5.35 -31.05
N VAL B 253 -29.97 5.03 -32.33
CA VAL B 253 -28.66 4.80 -32.93
C VAL B 253 -27.83 6.07 -32.85
N GLY B 254 -26.59 5.94 -32.38
CA GLY B 254 -25.69 7.05 -32.23
C GLY B 254 -25.57 7.58 -30.82
N ASP B 255 -26.53 7.29 -29.94
CA ASP B 255 -26.48 7.73 -28.55
C ASP B 255 -25.96 6.62 -27.64
N GLY B 256 -24.73 6.18 -27.92
CA GLY B 256 -24.11 5.17 -27.09
C GLY B 256 -23.31 5.78 -25.94
N PHE B 257 -22.85 7.02 -26.14
CA PHE B 257 -22.05 7.68 -25.12
C PHE B 257 -22.86 7.94 -23.86
N LYS B 258 -24.10 8.41 -24.00
CA LYS B 258 -24.92 8.69 -22.83
C LYS B 258 -25.19 7.41 -22.04
N VAL B 259 -25.53 6.33 -22.75
CA VAL B 259 -25.80 5.06 -22.08
C VAL B 259 -24.56 4.56 -21.36
N ALA B 260 -23.40 4.62 -22.03
CA ALA B 260 -22.16 4.17 -21.41
C ALA B 260 -21.84 4.98 -20.16
N MET B 261 -21.95 6.31 -20.26
CA MET B 261 -21.64 7.16 -19.11
C MET B 261 -22.58 6.89 -17.96
N ASN B 262 -23.88 6.73 -18.24
CA ASN B 262 -24.82 6.46 -17.15
C ASN B 262 -24.57 5.10 -16.51
N ILE B 263 -24.26 4.08 -17.31
CA ILE B 263 -23.96 2.76 -16.75
C ILE B 263 -22.73 2.84 -15.85
N LEU B 264 -21.69 3.54 -16.29
CA LEU B 264 -20.50 3.67 -15.44
C LEU B 264 -20.79 4.50 -14.20
N ASN B 265 -21.65 5.51 -14.29
CA ASN B 265 -21.84 6.44 -13.18
C ASN B 265 -22.95 6.03 -12.22
N SER B 266 -23.68 4.96 -12.51
CA SER B 266 -24.80 4.56 -11.65
C SER B 266 -24.49 3.38 -10.75
N GLY B 267 -23.24 2.96 -10.64
CA GLY B 267 -22.95 1.74 -9.89
C GLY B 267 -21.72 1.73 -9.03
N ARG B 268 -21.31 2.88 -8.47
CA ARG B 268 -20.07 2.96 -7.71
C ARG B 268 -20.24 3.34 -6.25
N PHE B 269 -21.46 3.63 -5.79
CA PHE B 269 -21.65 3.93 -4.37
C PHE B 269 -21.61 2.69 -3.51
N SER B 270 -22.20 1.58 -3.98
CA SER B 270 -22.29 0.37 -3.17
C SER B 270 -20.91 -0.17 -2.83
N MET B 271 -19.96 0.00 -3.74
CA MET B 271 -18.59 -0.43 -3.49
C MET B 271 -18.06 0.17 -2.19
N GLY B 272 -18.46 1.40 -1.89
CA GLY B 272 -18.00 2.03 -0.66
C GLY B 272 -18.38 1.23 0.58
N SER B 273 -19.59 0.67 0.61
CA SER B 273 -19.96 -0.15 1.74
C SER B 273 -19.15 -1.44 1.79
N VAL B 274 -18.82 -2.00 0.61
CA VAL B 274 -18.08 -3.26 0.55
C VAL B 274 -16.86 -3.19 1.45
N VAL B 275 -15.98 -2.22 1.20
CA VAL B 275 -14.76 -2.09 1.98
C VAL B 275 -15.11 -2.01 3.47
N ALA B 276 -16.13 -1.23 3.82
CA ALA B 276 -16.51 -1.10 5.22
C ALA B 276 -16.70 -2.46 5.86
N GLY B 277 -17.49 -3.32 5.21
CA GLY B 277 -17.69 -4.66 5.76
C GLY B 277 -16.37 -5.38 5.93
N LEU B 278 -15.52 -5.31 4.90
CA LEU B 278 -14.19 -5.89 4.98
C LEU B 278 -13.45 -5.41 6.22
N LEU B 279 -13.43 -4.09 6.44
CA LEU B 279 -12.68 -3.56 7.58
C LEU B 279 -13.24 -4.10 8.88
N LYS B 280 -14.56 -4.27 8.96
CA LYS B 280 -15.15 -4.87 10.16
C LYS B 280 -14.51 -6.22 10.44
N ARG B 281 -14.43 -7.07 9.42
CA ARG B 281 -13.81 -8.38 9.58
C ARG B 281 -12.40 -8.24 10.15
N LEU B 282 -11.65 -7.24 9.68
CA LEU B 282 -10.28 -7.07 10.18
C LEU B 282 -10.28 -6.82 11.68
N ILE B 283 -11.13 -5.91 12.15
CA ILE B 283 -11.16 -5.64 13.58
C ILE B 283 -11.84 -6.76 14.34
N GLU B 284 -12.40 -7.74 13.64
CA GLU B 284 -12.88 -8.95 14.27
C GLU B 284 -11.84 -10.06 14.32
N MET B 285 -10.68 -9.86 13.69
CA MET B 285 -9.65 -10.88 13.67
C MET B 285 -8.31 -10.42 14.23
N THR B 286 -7.90 -9.18 14.01
CA THR B 286 -6.66 -8.70 14.61
C THR B 286 -6.81 -8.36 16.08
N ALA B 287 -7.90 -7.70 16.45
CA ALA B 287 -8.10 -7.30 17.83
C ALA B 287 -7.88 -8.49 18.75
N GLU B 288 -8.43 -9.64 18.37
CA GLU B 288 -8.24 -10.85 19.17
C GLU B 288 -6.77 -11.25 19.27
N TYR B 289 -6.08 -11.29 18.14
CA TYR B 289 -4.67 -11.68 18.13
C TYR B 289 -3.85 -10.86 19.09
N ALA B 290 -3.98 -9.54 19.03
CA ALA B 290 -3.19 -8.65 19.88
C ALA B 290 -3.47 -8.95 21.34
N CYS B 291 -4.51 -9.72 21.60
CA CYS B 291 -4.88 -10.05 22.97
C CYS B 291 -4.21 -11.34 23.41
N THR B 292 -4.01 -12.29 22.52
CA THR B 292 -3.37 -13.59 22.77
C THR B 292 -1.87 -13.58 22.51
N ARG B 293 -1.30 -12.43 22.17
CA ARG B 293 0.15 -12.31 21.98
C ARG B 293 0.76 -11.33 22.96
N LYS B 294 1.91 -11.67 23.47
CA LYS B 294 2.53 -10.94 24.57
C LYS B 294 3.87 -10.36 24.17
N GLN B 295 4.08 -9.08 24.49
CA GLN B 295 5.34 -8.40 24.24
C GLN B 295 5.60 -7.42 25.38
N PHE B 296 6.87 -7.20 25.70
CA PHE B 296 7.26 -6.35 26.84
C PHE B 296 6.61 -6.85 28.14
N ASN B 297 6.46 -8.17 28.25
CA ASN B 297 5.73 -8.82 29.33
C ASN B 297 4.26 -8.43 29.37
N LYS B 298 3.76 -7.78 28.32
CA LYS B 298 2.40 -7.26 28.27
C LYS B 298 1.70 -7.75 27.02
N ARG B 299 0.37 -7.65 27.04
CA ARG B 299 -0.40 -7.83 25.83
C ARG B 299 -0.12 -6.72 24.84
N LEU B 300 -0.27 -7.03 23.54
CA LEU B 300 0.02 -6.06 22.49
C LEU B 300 -0.88 -4.83 22.57
N SER B 301 -2.12 -5.01 23.03
CA SER B 301 -3.11 -3.95 22.96
C SER B 301 -2.76 -2.74 23.82
N GLU B 302 -1.89 -2.91 24.82
CA GLU B 302 -1.57 -1.79 25.71
C GLU B 302 -0.59 -0.80 25.08
N PHE B 303 0.05 -1.17 23.97
CA PHE B 303 0.96 -0.26 23.29
C PHE B 303 0.17 0.81 22.56
N GLY B 304 0.69 2.04 22.57
CA GLY B 304 0.00 3.11 21.87
C GLY B 304 0.10 3.01 20.36
N LEU B 305 1.13 2.36 19.84
CA LEU B 305 1.39 2.29 18.41
C LEU B 305 0.54 1.25 17.69
N ILE B 306 -0.10 0.33 18.42
CA ILE B 306 -1.17 -0.46 17.85
C ILE B 306 -2.52 0.21 18.08
N GLN B 307 -2.64 0.96 19.18
CA GLN B 307 -3.87 1.70 19.45
C GLN B 307 -4.16 2.71 18.35
N GLU B 308 -3.13 3.42 17.86
CA GLU B 308 -3.37 4.38 16.80
C GLU B 308 -3.82 3.69 15.51
N LYS B 309 -3.26 2.51 15.22
CA LYS B 309 -3.69 1.79 14.03
C LYS B 309 -5.14 1.35 14.14
N PHE B 310 -5.55 0.86 15.31
CA PHE B 310 -6.95 0.47 15.48
C PHE B 310 -7.87 1.68 15.35
N ALA B 311 -7.47 2.82 15.93
CA ALA B 311 -8.29 4.02 15.81
C ALA B 311 -8.40 4.47 14.36
N LEU B 312 -7.31 4.38 13.60
CA LEU B 312 -7.36 4.75 12.18
C LEU B 312 -8.29 3.83 11.40
N MET B 313 -8.21 2.52 11.65
CA MET B 313 -9.10 1.59 10.96
C MET B 313 -10.56 1.90 11.28
N ALA B 314 -10.87 2.13 12.55
CA ALA B 314 -12.24 2.46 12.92
C ALA B 314 -12.70 3.76 12.29
N GLN B 315 -11.83 4.77 12.26
CA GLN B 315 -12.20 6.05 11.65
C GLN B 315 -12.52 5.88 10.17
N LYS B 316 -11.68 5.13 9.45
CA LYS B 316 -11.95 4.91 8.03
C LYS B 316 -13.26 4.17 7.84
N ALA B 317 -13.52 3.14 8.64
CA ALA B 317 -14.78 2.39 8.50
C ALA B 317 -15.98 3.29 8.77
N TYR B 318 -15.91 4.13 9.80
CA TYR B 318 -17.04 4.98 10.15
C TYR B 318 -17.31 6.04 9.08
N VAL B 319 -16.26 6.72 8.62
CA VAL B 319 -16.47 7.74 7.59
C VAL B 319 -16.97 7.11 6.31
N MET B 320 -16.46 5.93 5.98
CA MET B 320 -16.90 5.21 4.78
C MET B 320 -18.38 4.86 4.87
N GLU B 321 -18.83 4.39 6.04
CA GLU B 321 -20.25 4.10 6.22
C GLU B 321 -21.09 5.36 6.06
N SER B 322 -20.64 6.47 6.62
CA SER B 322 -21.35 7.74 6.43
C SER B 322 -21.51 8.06 4.94
N MET B 323 -20.40 8.02 4.19
CA MET B 323 -20.48 8.30 2.75
C MET B 323 -21.47 7.37 2.07
N THR B 324 -21.31 6.06 2.26
CA THR B 324 -22.11 5.12 1.48
C THR B 324 -23.59 5.26 1.80
N TYR B 325 -23.94 5.39 3.08
CA TYR B 325 -25.35 5.38 3.41
C TYR B 325 -26.00 6.72 3.10
N LEU B 326 -25.29 7.85 3.26
CA LEU B 326 -25.86 9.12 2.82
C LEU B 326 -26.07 9.13 1.32
N THR B 327 -25.10 8.63 0.54
CA THR B 327 -25.25 8.61 -0.91
C THR B 327 -26.40 7.70 -1.34
N ALA B 328 -26.50 6.52 -0.73
CA ALA B 328 -27.59 5.62 -1.07
C ALA B 328 -28.93 6.13 -0.56
N GLY B 329 -28.93 7.03 0.41
CA GLY B 329 -30.17 7.62 0.87
C GLY B 329 -30.63 8.81 0.06
N MET B 330 -29.70 9.48 -0.62
CA MET B 330 -30.12 10.54 -1.53
C MET B 330 -30.52 10.04 -2.90
N LEU B 331 -30.27 8.77 -3.22
CA LEU B 331 -30.74 8.18 -4.46
C LEU B 331 -32.14 7.57 -4.35
N ASP B 332 -32.68 7.50 -3.14
CA ASP B 332 -34.02 6.95 -2.93
C ASP B 332 -35.10 8.01 -2.93
N GLN B 333 -34.76 9.28 -3.14
CA GLN B 333 -35.75 10.32 -3.25
C GLN B 333 -36.59 10.11 -4.52
N PRO B 334 -37.82 10.62 -4.54
CA PRO B 334 -38.65 10.47 -5.74
C PRO B 334 -38.02 11.10 -6.95
N GLY B 335 -38.19 10.46 -8.11
CA GLY B 335 -37.60 10.91 -9.35
C GLY B 335 -36.32 10.18 -9.68
N PHE B 336 -35.50 10.85 -10.51
CA PHE B 336 -34.22 10.32 -10.95
C PHE B 336 -33.15 11.36 -10.69
N PRO B 337 -32.72 11.52 -9.43
CA PRO B 337 -31.69 12.51 -9.12
C PRO B 337 -30.35 12.14 -9.73
N ASP B 338 -29.56 13.16 -10.05
CA ASP B 338 -28.25 12.99 -10.67
C ASP B 338 -27.19 13.18 -9.60
N CYS B 339 -26.79 12.07 -8.97
CA CYS B 339 -25.77 12.11 -7.93
C CYS B 339 -24.60 11.22 -8.31
N SER B 340 -24.12 11.35 -9.54
CA SER B 340 -23.02 10.52 -10.02
C SER B 340 -21.67 10.92 -9.43
N ILE B 341 -21.50 12.20 -9.07
CA ILE B 341 -20.24 12.64 -8.47
C ILE B 341 -20.03 11.96 -7.13
N GLU B 342 -21.07 11.91 -6.31
CA GLU B 342 -20.92 11.42 -4.95
C GLU B 342 -20.63 9.93 -4.92
N ALA B 343 -21.14 9.17 -5.89
CA ALA B 343 -20.74 7.78 -6.03
C ALA B 343 -19.25 7.67 -6.31
N ALA B 344 -18.72 8.57 -7.15
CA ALA B 344 -17.28 8.59 -7.41
C ALA B 344 -16.50 8.91 -6.14
N MET B 345 -16.99 9.87 -5.35
CA MET B 345 -16.31 10.18 -4.09
C MET B 345 -16.26 8.96 -3.18
N VAL B 346 -17.39 8.27 -3.04
CA VAL B 346 -17.44 7.09 -2.19
C VAL B 346 -16.48 6.02 -2.70
N LYS B 347 -16.45 5.81 -4.02
CA LYS B 347 -15.57 4.79 -4.59
C LYS B 347 -14.10 5.11 -4.32
N VAL B 348 -13.69 6.35 -4.58
CA VAL B 348 -12.28 6.73 -4.41
C VAL B 348 -11.87 6.60 -2.95
N PHE B 349 -12.70 7.14 -2.05
CA PHE B 349 -12.34 7.10 -0.63
C PHE B 349 -12.29 5.66 -0.14
N SER B 350 -13.22 4.83 -0.59
CA SER B 350 -13.22 3.43 -0.18
C SER B 350 -11.97 2.71 -0.64
N SER B 351 -11.55 2.94 -1.88
CA SER B 351 -10.33 2.30 -2.37
C SER B 351 -9.12 2.72 -1.57
N GLU B 352 -8.97 4.03 -1.34
CA GLU B 352 -7.79 4.52 -0.62
C GLU B 352 -7.75 3.97 0.80
N ALA B 353 -8.86 4.10 1.53
CA ALA B 353 -8.90 3.62 2.90
C ALA B 353 -8.72 2.11 2.96
N ALA B 354 -9.27 1.38 1.99
CA ALA B 354 -9.08 -0.06 1.95
C ALA B 354 -7.60 -0.42 1.87
N TRP B 355 -6.88 0.19 0.93
CA TRP B 355 -5.46 -0.12 0.80
C TRP B 355 -4.70 0.21 2.07
N GLN B 356 -4.89 1.43 2.60
CA GLN B 356 -4.14 1.84 3.77
C GLN B 356 -4.41 0.93 4.96
N CYS B 357 -5.70 0.68 5.24
CA CYS B 357 -6.06 -0.07 6.43
C CYS B 357 -5.69 -1.54 6.31
N VAL B 358 -5.78 -2.12 5.11
CA VAL B 358 -5.39 -3.52 4.97
C VAL B 358 -3.89 -3.68 5.13
N SER B 359 -3.10 -2.74 4.59
CA SER B 359 -1.66 -2.80 4.82
C SER B 359 -1.33 -2.70 6.31
N GLU B 360 -1.98 -1.76 7.01
CA GLU B 360 -1.71 -1.63 8.44
C GLU B 360 -2.13 -2.87 9.21
N ALA B 361 -3.27 -3.46 8.85
CA ALA B 361 -3.75 -4.65 9.56
C ALA B 361 -2.82 -5.84 9.35
N LEU B 362 -2.31 -6.02 8.14
CA LEU B 362 -1.32 -7.07 7.95
C LEU B 362 -0.03 -6.74 8.70
N GLN B 363 0.28 -5.46 8.86
CA GLN B 363 1.45 -5.09 9.65
C GLN B 363 1.30 -5.48 11.11
N ILE B 364 0.11 -5.28 11.68
CA ILE B 364 -0.09 -5.59 13.10
C ILE B 364 0.14 -7.06 13.36
N LEU B 365 -0.37 -7.93 12.48
CA LEU B 365 -0.11 -9.36 12.62
C LEU B 365 1.36 -9.70 12.39
N GLY B 366 2.15 -8.77 11.85
CA GLY B 366 3.58 -8.99 11.71
C GLY B 366 3.91 -10.11 10.73
N GLY B 367 4.99 -10.82 11.03
CA GLY B 367 5.42 -11.89 10.15
C GLY B 367 4.46 -13.05 10.08
N LEU B 368 3.56 -13.18 11.06
CA LEU B 368 2.61 -14.28 11.03
C LEU B 368 1.56 -14.09 9.94
N GLY B 369 1.21 -12.85 9.62
CA GLY B 369 0.19 -12.61 8.61
C GLY B 369 0.63 -12.79 7.19
N TYR B 370 1.94 -12.90 6.96
CA TYR B 370 2.43 -12.96 5.60
C TYR B 370 2.20 -14.33 4.98
N THR B 371 2.16 -15.38 5.79
CA THR B 371 1.93 -16.72 5.28
C THR B 371 0.46 -16.92 4.91
N ARG B 372 0.20 -17.99 4.15
CA ARG B 372 -1.15 -18.29 3.69
C ARG B 372 -1.94 -19.17 4.65
N ASP B 373 -1.34 -19.66 5.74
CA ASP B 373 -2.12 -20.38 6.73
C ASP B 373 -3.21 -19.48 7.30
N TYR B 374 -2.85 -18.25 7.62
CA TYR B 374 -3.81 -17.21 7.96
C TYR B 374 -4.41 -16.67 6.67
N PRO B 375 -5.60 -16.06 6.71
CA PRO B 375 -6.23 -15.63 5.46
C PRO B 375 -5.93 -14.18 5.09
N TYR B 376 -4.98 -13.55 5.78
CA TYR B 376 -4.68 -12.15 5.50
C TYR B 376 -4.02 -11.95 4.14
N GLU B 377 -3.54 -13.02 3.50
CA GLU B 377 -3.07 -12.89 2.14
C GLU B 377 -4.22 -12.54 1.20
N ARG B 378 -5.32 -13.29 1.30
CA ARG B 378 -6.43 -13.09 0.37
C ARG B 378 -7.00 -11.69 0.49
N ILE B 379 -7.12 -11.18 1.72
CA ILE B 379 -7.66 -9.84 1.91
C ILE B 379 -6.76 -8.80 1.27
N LEU B 380 -5.45 -8.90 1.49
CA LEU B 380 -4.53 -7.93 0.92
C LEU B 380 -4.51 -7.99 -0.60
N ARG B 381 -4.50 -9.20 -1.17
CA ARG B 381 -4.46 -9.34 -2.62
C ARG B 381 -5.74 -8.84 -3.27
N ASP B 382 -6.90 -9.16 -2.67
CA ASP B 382 -8.18 -8.73 -3.25
C ASP B 382 -8.48 -7.27 -2.98
N THR B 383 -7.86 -6.67 -1.96
CA THR B 383 -8.10 -5.26 -1.70
C THR B 383 -7.52 -4.38 -2.79
N ARG B 384 -6.45 -4.84 -3.45
CA ARG B 384 -5.80 -4.03 -4.47
C ARG B 384 -6.72 -3.74 -5.64
N ILE B 385 -7.50 -4.73 -6.07
CA ILE B 385 -8.25 -4.62 -7.31
C ILE B 385 -9.32 -3.54 -7.25
N LEU B 386 -9.78 -3.17 -6.05
CA LEU B 386 -10.84 -2.18 -5.95
C LEU B 386 -10.36 -0.80 -6.41
N LEU B 387 -9.06 -0.53 -6.38
CA LEU B 387 -8.57 0.69 -7.00
C LEU B 387 -8.68 0.63 -8.51
N ILE B 388 -8.37 -0.53 -9.10
CA ILE B 388 -8.51 -0.71 -10.54
C ILE B 388 -9.98 -0.86 -10.93
N PHE B 389 -10.75 -1.59 -10.13
CA PHE B 389 -12.09 -1.99 -10.52
C PHE B 389 -13.01 -0.79 -10.72
N GLU B 390 -13.91 -0.92 -11.71
CA GLU B 390 -14.90 0.10 -12.02
C GLU B 390 -14.23 1.46 -12.27
N GLY B 391 -13.21 1.44 -13.12
CA GLY B 391 -12.49 2.65 -13.44
C GLY B 391 -11.43 2.98 -12.41
N THR B 392 -10.28 3.46 -12.86
CA THR B 392 -9.18 3.75 -11.96
C THR B 392 -9.51 4.98 -11.12
N ASN B 393 -8.76 5.13 -10.02
CA ASN B 393 -8.97 6.28 -9.13
C ASN B 393 -8.61 7.58 -9.82
N GLU B 394 -7.60 7.57 -10.68
CA GLU B 394 -7.13 8.80 -11.30
C GLU B 394 -8.18 9.37 -12.24
N ILE B 395 -8.91 8.52 -12.95
CA ILE B 395 -10.01 8.99 -13.79
C ILE B 395 -11.09 9.65 -12.95
N LEU B 396 -11.49 8.97 -11.86
CA LEU B 396 -12.55 9.50 -11.01
C LEU B 396 -12.13 10.78 -10.31
N ARG B 397 -10.81 10.97 -10.09
CA ARG B 397 -10.33 12.25 -9.60
C ARG B 397 -10.65 13.36 -10.58
N MET B 398 -10.59 13.08 -11.89
CA MET B 398 -11.00 14.06 -12.88
C MET B 398 -12.51 14.22 -12.89
N TYR B 399 -13.25 13.12 -12.86
CA TYR B 399 -14.69 13.16 -13.01
C TYR B 399 -15.33 13.99 -11.91
N ILE B 400 -14.82 13.88 -10.68
CA ILE B 400 -15.35 14.67 -9.57
C ILE B 400 -15.10 16.15 -9.79
N ALA B 401 -13.95 16.49 -10.36
CA ALA B 401 -13.61 17.90 -10.58
C ALA B 401 -14.08 18.41 -11.93
N LEU B 402 -13.85 17.64 -12.99
CA LEU B 402 -14.17 18.10 -14.34
C LEU B 402 -15.67 18.37 -14.49
N THR B 403 -16.49 17.38 -14.14
CA THR B 403 -17.93 17.53 -14.35
C THR B 403 -18.52 18.57 -13.41
N GLY B 404 -18.05 18.62 -12.16
CA GLY B 404 -18.55 19.62 -11.24
C GLY B 404 -18.18 21.04 -11.65
N LEU B 405 -16.94 21.23 -12.12
CA LEU B 405 -16.48 22.58 -12.46
C LEU B 405 -17.24 23.13 -13.66
N GLN B 406 -17.59 22.27 -14.62
CA GLN B 406 -18.39 22.73 -15.75
C GLN B 406 -19.73 23.26 -15.27
N HIS B 407 -20.36 22.56 -14.32
CA HIS B 407 -21.57 23.09 -13.70
C HIS B 407 -21.29 24.40 -12.97
N ALA B 408 -20.16 24.47 -12.28
CA ALA B 408 -19.78 25.71 -11.60
C ALA B 408 -19.52 26.84 -12.60
N GLY B 409 -18.89 26.52 -13.73
CA GLY B 409 -18.58 27.55 -14.71
C GLY B 409 -19.83 28.16 -15.34
N ARG B 410 -20.87 27.34 -15.55
CA ARG B 410 -22.08 27.84 -16.17
C ARG B 410 -22.74 28.93 -15.33
N ILE B 411 -22.81 28.73 -14.01
CA ILE B 411 -23.48 29.69 -13.14
C ILE B 411 -22.74 31.03 -13.15
N LEU B 412 -21.41 31.00 -13.08
CA LEU B 412 -20.64 32.24 -13.09
C LEU B 412 -20.80 32.98 -14.40
N THR B 413 -20.80 32.26 -15.52
CA THR B 413 -20.95 32.87 -16.83
C THR B 413 -22.42 33.15 -17.12
N HIS B 451 -26.69 27.85 11.20
CA HIS B 451 -26.25 26.45 11.18
C HIS B 451 -26.69 25.72 12.45
N GLY B 452 -27.92 25.96 12.88
CA GLY B 452 -28.46 25.33 14.06
C GLY B 452 -29.08 23.97 13.81
N VAL B 453 -28.39 23.13 13.03
CA VAL B 453 -28.87 21.79 12.74
C VAL B 453 -28.02 20.71 13.41
N VAL B 454 -26.73 20.97 13.63
CA VAL B 454 -25.87 19.99 14.28
C VAL B 454 -26.01 20.11 15.79
N HIS B 455 -25.69 19.02 16.49
CA HIS B 455 -25.77 19.00 17.94
C HIS B 455 -24.71 19.92 18.55
N PRO B 456 -25.00 20.55 19.68
CA PRO B 456 -24.02 21.44 20.30
C PRO B 456 -22.71 20.76 20.70
N SER B 457 -22.70 19.44 20.85
CA SER B 457 -21.45 18.75 21.15
C SER B 457 -20.46 18.84 20.00
N LEU B 458 -20.95 18.90 18.76
CA LEU B 458 -20.11 18.99 17.58
C LEU B 458 -20.04 20.42 17.05
N ALA B 459 -19.99 21.41 17.94
CA ALA B 459 -20.04 22.80 17.51
C ALA B 459 -18.81 23.19 16.69
N ASP B 460 -17.63 22.72 17.09
CA ASP B 460 -16.41 23.10 16.38
C ASP B 460 -16.39 22.54 14.97
N SER B 461 -16.90 21.32 14.78
CA SER B 461 -16.89 20.71 13.46
C SER B 461 -17.74 21.50 12.47
N ALA B 462 -18.88 22.01 12.93
CA ALA B 462 -19.72 22.84 12.05
C ALA B 462 -18.99 24.10 11.61
N ASN B 463 -18.30 24.76 12.54
CA ASN B 463 -17.56 25.97 12.20
C ASN B 463 -16.43 25.66 11.23
N LYS B 464 -15.70 24.57 11.46
CA LYS B 464 -14.62 24.20 10.55
C LYS B 464 -15.15 23.85 9.16
N PHE B 465 -16.28 23.14 9.11
CA PHE B 465 -16.88 22.81 7.81
C PHE B 465 -17.32 24.07 7.08
N GLU B 466 -17.92 25.02 7.79
CA GLU B 466 -18.33 26.28 7.16
C GLU B 466 -17.12 27.04 6.64
N GLU B 467 -16.04 27.11 7.43
CA GLU B 467 -14.86 27.82 7.00
C GLU B 467 -14.24 27.17 5.76
N ASN B 468 -14.12 25.84 5.76
CA ASN B 468 -13.59 25.15 4.59
C ASN B 468 -14.47 25.39 3.36
N THR B 469 -15.79 25.31 3.51
CA THR B 469 -16.65 25.51 2.36
C THR B 469 -16.53 26.91 1.80
N TYR B 470 -16.48 27.93 2.68
CA TYR B 470 -16.37 29.30 2.22
C TYR B 470 -15.03 29.53 1.50
N CYS B 471 -13.93 29.13 2.13
CA CYS B 471 -12.62 29.33 1.52
C CYS B 471 -12.50 28.55 0.21
N PHE B 472 -13.02 27.33 0.17
CA PHE B 472 -12.95 26.52 -1.04
C PHE B 472 -13.78 27.12 -2.16
N GLY B 473 -14.95 27.66 -1.83
CA GLY B 473 -15.73 28.35 -2.85
C GLY B 473 -15.00 29.54 -3.41
N ARG B 474 -14.38 30.34 -2.54
CA ARG B 474 -13.60 31.48 -3.02
C ARG B 474 -12.44 31.04 -3.90
N THR B 475 -11.74 29.98 -3.50
CA THR B 475 -10.61 29.48 -4.28
C THR B 475 -11.05 28.95 -5.64
N VAL B 476 -12.17 28.22 -5.69
CA VAL B 476 -12.64 27.71 -6.97
C VAL B 476 -13.09 28.85 -7.87
N GLU B 477 -13.73 29.88 -7.29
CA GLU B 477 -14.10 31.05 -8.07
C GLU B 477 -12.87 31.72 -8.68
N THR B 478 -11.82 31.91 -7.87
CA THR B 478 -10.60 32.50 -8.39
C THR B 478 -9.97 31.63 -9.46
N LEU B 479 -9.98 30.31 -9.25
CA LEU B 479 -9.39 29.38 -10.21
C LEU B 479 -10.10 29.44 -11.55
N LEU B 480 -11.44 29.49 -11.53
CA LEU B 480 -12.18 29.65 -12.78
C LEU B 480 -11.95 31.01 -13.40
N LEU B 481 -11.76 32.04 -12.58
CA LEU B 481 -11.49 33.37 -13.11
C LEU B 481 -10.16 33.41 -13.86
N ARG B 482 -9.14 32.75 -13.32
CA ARG B 482 -7.79 32.92 -13.87
C ARG B 482 -7.54 31.99 -15.06
N PHE B 483 -7.75 30.68 -14.90
CA PHE B 483 -7.61 29.78 -16.03
C PHE B 483 -8.68 29.99 -17.08
N GLY B 484 -9.93 30.19 -16.67
CA GLY B 484 -11.02 30.29 -17.61
C GLY B 484 -11.39 28.94 -18.20
N LYS B 485 -11.03 28.72 -19.46
CA LYS B 485 -11.38 27.48 -20.16
C LYS B 485 -10.20 26.52 -20.29
N THR B 486 -9.00 26.92 -19.90
CA THR B 486 -7.82 26.08 -20.04
C THR B 486 -7.60 25.14 -18.86
N ILE B 487 -8.60 25.00 -17.98
CA ILE B 487 -8.44 24.19 -16.78
C ILE B 487 -8.34 22.70 -17.06
N MET B 488 -8.63 22.27 -18.30
CA MET B 488 -8.55 20.84 -18.62
C MET B 488 -7.13 20.32 -18.47
N GLU B 489 -6.13 21.06 -18.94
CA GLU B 489 -4.77 20.55 -18.96
C GLU B 489 -4.11 20.56 -17.59
N GLU B 490 -4.64 21.33 -16.64
CA GLU B 490 -4.07 21.38 -15.29
C GLU B 490 -4.47 20.12 -14.53
N GLN B 491 -3.89 19.00 -14.95
CA GLN B 491 -4.23 17.71 -14.36
C GLN B 491 -3.81 17.62 -12.90
N LEU B 492 -2.87 18.46 -12.45
CA LEU B 492 -2.50 18.48 -11.04
C LEU B 492 -3.46 19.29 -10.19
N VAL B 493 -4.02 20.37 -10.74
CA VAL B 493 -4.96 21.19 -9.98
C VAL B 493 -6.25 20.40 -9.71
N LEU B 494 -6.75 19.68 -10.72
CA LEU B 494 -7.97 18.91 -10.54
C LEU B 494 -7.80 17.85 -9.46
N LYS B 495 -6.60 17.28 -9.32
CA LYS B 495 -6.37 16.29 -8.27
C LYS B 495 -6.55 16.91 -6.89
N ARG B 496 -5.97 18.10 -6.67
CA ARG B 496 -6.12 18.76 -5.38
C ARG B 496 -7.57 19.16 -5.12
N VAL B 497 -8.27 19.66 -6.14
CA VAL B 497 -9.66 20.02 -5.96
C VAL B 497 -10.49 18.78 -5.63
N ALA B 498 -10.21 17.66 -6.28
CA ALA B 498 -10.92 16.42 -5.99
C ALA B 498 -10.67 15.97 -4.55
N ASN B 499 -9.42 16.08 -4.09
CA ASN B 499 -9.13 15.71 -2.69
C ASN B 499 -9.90 16.59 -1.72
N ILE B 500 -9.92 17.90 -1.96
CA ILE B 500 -10.62 18.80 -1.06
C ILE B 500 -12.11 18.50 -1.05
N LEU B 501 -12.69 18.22 -2.22
CA LEU B 501 -14.11 17.93 -2.29
C LEU B 501 -14.45 16.62 -1.59
N ILE B 502 -13.60 15.59 -1.76
CA ILE B 502 -13.85 14.32 -1.08
C ILE B 502 -13.79 14.51 0.42
N ASN B 503 -12.82 15.28 0.92
CA ASN B 503 -12.74 15.53 2.35
C ASN B 503 -13.96 16.29 2.85
N LEU B 504 -14.42 17.29 2.11
CA LEU B 504 -15.60 18.04 2.56
C LEU B 504 -16.83 17.15 2.61
N TYR B 505 -17.03 16.30 1.59
CA TYR B 505 -18.17 15.41 1.62
C TYR B 505 -18.08 14.42 2.77
N GLY B 506 -16.89 13.90 3.03
CA GLY B 506 -16.72 13.01 4.17
C GLY B 506 -17.06 13.68 5.48
N MET B 507 -16.53 14.89 5.68
CA MET B 507 -16.77 15.59 6.93
C MET B 507 -18.25 15.91 7.12
N THR B 508 -18.94 16.33 6.06
CA THR B 508 -20.36 16.65 6.22
C THR B 508 -21.21 15.39 6.42
N ALA B 509 -20.87 14.28 5.76
CA ALA B 509 -21.60 13.05 6.02
C ALA B 509 -21.40 12.59 7.46
N VAL B 510 -20.19 12.72 7.98
CA VAL B 510 -19.94 12.31 9.36
C VAL B 510 -20.68 13.21 10.33
N LEU B 511 -20.71 14.53 10.08
CA LEU B 511 -21.51 15.39 10.93
C LEU B 511 -22.99 15.00 10.92
N SER B 512 -23.54 14.72 9.73
CA SER B 512 -24.95 14.34 9.67
C SER B 512 -25.22 13.06 10.45
N ARG B 513 -24.37 12.05 10.26
CA ARG B 513 -24.58 10.78 10.95
C ARG B 513 -24.45 10.94 12.46
N ALA B 514 -23.45 11.70 12.91
CA ALA B 514 -23.27 11.91 14.35
C ALA B 514 -24.44 12.68 14.94
N SER B 515 -24.95 13.69 14.23
CA SER B 515 -26.09 14.43 14.73
C SER B 515 -27.32 13.53 14.84
N ARG B 516 -27.55 12.68 13.84
CA ARG B 516 -28.64 11.71 13.97
C ARG B 516 -28.45 10.80 15.16
N SER B 517 -27.23 10.27 15.34
CA SER B 517 -27.01 9.32 16.42
C SER B 517 -27.20 9.97 17.78
N ILE B 518 -26.81 11.23 17.92
CA ILE B 518 -27.04 11.94 19.18
C ILE B 518 -28.52 12.18 19.41
N ARG B 519 -29.23 12.67 18.39
CA ARG B 519 -30.64 13.01 18.59
C ARG B 519 -31.49 11.78 18.88
N ILE B 520 -31.26 10.68 18.15
CA ILE B 520 -31.99 9.46 18.41
C ILE B 520 -31.58 8.84 19.74
N GLY B 521 -30.43 9.23 20.28
CA GLY B 521 -29.94 8.62 21.51
C GLY B 521 -29.50 7.19 21.31
N LEU B 522 -28.88 6.89 20.18
CA LEU B 522 -28.42 5.54 19.91
C LEU B 522 -27.28 5.16 20.85
N ARG B 523 -27.11 3.86 21.06
CA ARG B 523 -26.09 3.38 21.97
C ARG B 523 -24.69 3.75 21.48
N ASN B 524 -23.79 3.97 22.43
CA ASN B 524 -22.39 4.33 22.14
C ASN B 524 -22.32 5.61 21.30
N HIS B 525 -23.12 6.60 21.67
CA HIS B 525 -23.12 7.85 20.92
C HIS B 525 -21.88 8.70 21.18
N ASP B 526 -21.30 8.59 22.39
CA ASP B 526 -20.07 9.33 22.67
C ASP B 526 -18.90 8.80 21.84
N HIS B 527 -18.85 7.49 21.64
CA HIS B 527 -17.83 6.91 20.76
C HIS B 527 -17.95 7.47 19.35
N GLU B 528 -19.17 7.59 18.84
CA GLU B 528 -19.35 8.13 17.49
C GLU B 528 -19.08 9.63 17.45
N VAL B 529 -19.31 10.35 18.54
CA VAL B 529 -18.89 11.76 18.60
C VAL B 529 -17.38 11.88 18.50
N LEU B 530 -16.65 11.02 19.22
CA LEU B 530 -15.19 11.05 19.12
C LEU B 530 -14.72 10.69 17.71
N LEU B 531 -15.35 9.68 17.10
CA LEU B 531 -15.01 9.31 15.73
C LEU B 531 -15.31 10.44 14.75
N ALA B 532 -16.32 11.25 15.06
CA ALA B 532 -16.60 12.42 14.22
C ALA B 532 -15.54 13.49 14.39
N ASN B 533 -15.19 13.81 15.64
CA ASN B 533 -14.27 14.92 15.88
C ASN B 533 -12.86 14.61 15.37
N THR B 534 -12.42 13.36 15.52
CA THR B 534 -11.09 13.01 15.02
C THR B 534 -11.00 13.25 13.52
N PHE B 535 -11.96 12.73 12.76
CA PHE B 535 -11.95 12.92 11.31
C PHE B 535 -12.12 14.38 10.94
N CYS B 536 -12.92 15.13 11.70
CA CYS B 536 -13.10 16.54 11.39
C CYS B 536 -11.78 17.29 11.51
N VAL B 537 -11.04 17.06 12.59
CA VAL B 537 -9.76 17.75 12.76
C VAL B 537 -8.78 17.33 11.67
N GLU B 538 -8.70 16.03 11.40
CA GLU B 538 -7.75 15.54 10.39
C GLU B 538 -8.06 16.11 9.01
N ALA B 539 -9.33 16.06 8.60
CA ALA B 539 -9.70 16.58 7.29
C ALA B 539 -9.56 18.08 7.22
N TYR B 540 -9.81 18.81 8.32
CA TYR B 540 -9.59 20.25 8.29
C TYR B 540 -8.12 20.57 8.08
N LEU B 541 -7.23 19.84 8.74
CA LEU B 541 -5.80 20.07 8.52
C LEU B 541 -5.41 19.77 7.07
N GLN B 542 -5.88 18.64 6.54
CA GLN B 542 -5.52 18.28 5.16
C GLN B 542 -6.06 19.29 4.16
N ASN B 543 -7.30 19.76 4.36
CA ASN B 543 -7.87 20.74 3.44
C ASN B 543 -7.17 22.09 3.54
N LEU B 544 -6.81 22.51 4.76
CA LEU B 544 -6.07 23.75 4.88
C LEU B 544 -4.71 23.66 4.23
N PHE B 545 -4.08 22.48 4.27
CA PHE B 545 -2.84 22.30 3.54
C PHE B 545 -3.07 22.39 2.03
N SER B 546 -4.09 21.69 1.52
CA SER B 546 -4.32 21.67 0.08
C SER B 546 -4.77 23.03 -0.45
N LEU B 547 -5.63 23.72 0.29
CA LEU B 547 -6.12 25.01 -0.18
C LEU B 547 -5.03 26.07 -0.16
N SER B 548 -4.04 25.93 0.72
CA SER B 548 -2.98 26.94 0.81
C SER B 548 -2.11 26.95 -0.44
N GLN B 549 -1.83 25.77 -1.00
CA GLN B 549 -0.94 25.65 -2.15
C GLN B 549 -1.68 25.74 -3.49
N LEU B 550 -2.85 26.39 -3.51
CA LEU B 550 -3.57 26.67 -4.75
C LEU B 550 -3.66 28.17 -4.98
N ASP B 551 -2.58 28.88 -4.68
CA ASP B 551 -2.54 30.33 -4.80
C ASP B 551 -1.51 30.75 -5.84
N LYS B 552 -1.69 31.97 -6.35
CA LYS B 552 -0.77 32.50 -7.36
C LYS B 552 0.63 32.69 -6.80
N TYR B 553 0.73 33.17 -5.57
CA TYR B 553 2.00 33.51 -4.94
C TYR B 553 2.33 32.58 -3.79
N ALA B 554 2.04 31.29 -3.95
CA ALA B 554 2.33 30.30 -2.92
C ALA B 554 3.75 29.78 -3.12
N PRO B 555 4.68 30.03 -2.19
CA PRO B 555 6.03 29.48 -2.36
C PRO B 555 6.09 27.97 -2.33
N GLU B 556 5.08 27.31 -1.78
CA GLU B 556 5.03 25.87 -1.71
C GLU B 556 4.37 25.24 -2.94
N ASN B 557 4.02 26.04 -3.95
CA ASN B 557 3.40 25.52 -5.16
C ASN B 557 4.40 24.74 -5.98
N LEU B 558 4.44 23.43 -5.79
CA LEU B 558 5.40 22.56 -6.47
C LEU B 558 4.74 21.89 -7.67
N ASP B 559 4.46 22.70 -8.69
CA ASP B 559 3.92 22.19 -9.95
C ASP B 559 4.96 22.19 -11.06
N GLU B 560 5.74 23.27 -11.18
CA GLU B 560 6.72 23.36 -12.25
C GLU B 560 7.86 22.36 -12.05
N GLN B 561 8.27 22.14 -10.80
CA GLN B 561 9.36 21.20 -10.54
C GLN B 561 9.00 19.79 -10.98
N ILE B 562 7.79 19.35 -10.63
CA ILE B 562 7.32 18.02 -11.07
C ILE B 562 7.25 17.97 -12.58
N LYS B 563 6.73 19.03 -13.21
CA LYS B 563 6.66 19.06 -14.67
C LYS B 563 8.04 18.87 -15.29
N LYS B 564 9.02 19.66 -14.85
CA LYS B 564 10.35 19.60 -15.44
C LYS B 564 11.00 18.24 -15.21
N VAL B 565 10.94 17.74 -13.97
CA VAL B 565 11.60 16.48 -13.65
C VAL B 565 10.97 15.34 -14.44
N SER B 566 9.63 15.27 -14.44
CA SER B 566 8.92 14.23 -15.17
C SER B 566 9.21 14.31 -16.65
N GLN B 567 9.30 15.53 -17.19
CA GLN B 567 9.67 15.67 -18.59
C GLN B 567 11.05 15.10 -18.85
N GLN B 568 12.00 15.34 -17.95
CA GLN B 568 13.34 14.82 -18.14
C GLN B 568 13.35 13.29 -18.20
N ILE B 569 12.76 12.64 -17.19
CA ILE B 569 12.74 11.17 -17.22
C ILE B 569 11.98 10.66 -18.44
N LEU B 570 10.83 11.27 -18.75
CA LEU B 570 10.01 10.75 -19.84
C LEU B 570 10.68 10.91 -21.20
N GLU B 571 11.43 11.99 -21.40
CA GLU B 571 12.21 12.11 -22.63
C GLU B 571 13.39 11.16 -22.66
N LYS B 572 13.94 10.80 -21.51
CA LYS B 572 14.99 9.80 -21.49
C LYS B 572 14.43 8.38 -21.40
N ARG B 573 13.24 8.21 -20.82
CA ARG B 573 12.59 6.90 -20.66
C ARG B 573 13.42 5.96 -19.80
N ALA B 574 14.17 6.53 -18.84
CA ALA B 574 14.94 5.77 -17.87
C ALA B 574 15.39 6.75 -16.79
N TYR B 575 16.06 6.22 -15.76
CA TYR B 575 16.55 7.08 -14.69
C TYR B 575 17.68 7.96 -15.20
N ILE B 576 17.75 9.17 -14.64
CA ILE B 576 18.68 10.20 -15.11
C ILE B 576 19.97 10.22 -14.30
N CYS B 577 19.86 10.35 -12.98
CA CYS B 577 21.02 10.66 -12.15
C CYS B 577 22.05 9.54 -12.20
N ALA B 578 23.31 9.92 -12.37
CA ALA B 578 24.38 8.94 -12.43
C ALA B 578 24.66 8.38 -11.03
N HIS B 579 25.32 7.23 -11.01
CA HIS B 579 25.59 6.55 -9.75
C HIS B 579 26.54 7.37 -8.90
N PRO B 580 26.34 7.40 -7.57
CA PRO B 580 27.26 8.17 -6.71
C PRO B 580 28.69 7.66 -6.75
N LEU B 581 28.90 6.37 -6.98
CA LEU B 581 30.26 5.83 -7.00
C LEU B 581 31.06 6.39 -8.16
N ASP B 582 30.44 6.54 -9.33
CA ASP B 582 31.15 7.05 -10.49
C ASP B 582 31.62 8.47 -10.27
N ARG B 583 32.83 8.78 -10.75
CA ARG B 583 33.42 10.10 -10.60
C ARG B 583 33.85 10.61 -11.98
N THR B 584 33.57 11.88 -12.24
CA THR B 584 33.92 12.52 -13.51
C THR B 584 34.45 13.92 -13.21
N CYS B 585 35.76 14.10 -13.28
CA CYS B 585 36.38 15.39 -13.01
C CYS B 585 36.01 16.42 -14.07
PA FAD C . -4.10 2.73 -18.00
O1A FAD C . -2.76 3.29 -18.28
O2A FAD C . -4.22 1.99 -16.67
O5B FAD C . -5.21 3.85 -18.04
C5B FAD C . -5.74 4.43 -16.84
C4B FAD C . -4.63 5.10 -16.07
O4B FAD C . -3.85 5.93 -16.97
C3B FAD C . -5.09 6.02 -14.95
O3B FAD C . -5.06 5.34 -13.69
C2B FAD C . -4.07 7.16 -14.99
O2B FAD C . -2.89 6.82 -14.26
C1B FAD C . -3.78 7.24 -16.49
N9A FAD C . -4.75 8.05 -17.23
C8A FAD C . -5.61 7.62 -18.18
N7A FAD C . -6.37 8.57 -18.70
C5A FAD C . -5.95 9.70 -18.02
C6A FAD C . -6.36 11.05 -18.10
N6A FAD C . -7.31 11.50 -18.92
N1A FAD C . -5.75 11.94 -17.28
C2A FAD C . -4.80 11.50 -16.45
N3A FAD C . -4.34 10.26 -16.30
C4A FAD C . -4.96 9.40 -17.11
N1 FAD C . -13.45 -1.57 -18.23
C2 FAD C . -14.74 -1.15 -18.39
O2 FAD C . -15.07 -0.36 -19.29
N3 FAD C . -15.72 -1.61 -17.54
C4 FAD C . -15.53 -2.49 -16.48
O4 FAD C . -16.49 -2.84 -15.78
C4X FAD C . -14.16 -2.94 -16.32
N5 FAD C . -13.89 -3.76 -15.36
C5X FAD C . -12.58 -4.18 -15.21
C6 FAD C . -12.28 -5.07 -14.18
C7 FAD C . -10.98 -5.52 -13.98
C7M FAD C . -10.69 -6.49 -12.86
C8 FAD C . -9.95 -5.07 -14.83
C8M FAD C . -8.54 -5.54 -14.64
C9 FAD C . -10.26 -4.19 -15.86
C9A FAD C . -11.55 -3.74 -16.06
N10 FAD C . -11.89 -2.84 -17.08
C10 FAD C . -13.19 -2.41 -17.25
C1' FAD C . -10.87 -2.34 -18.01
C2' FAD C . -10.06 -1.18 -17.45
O2' FAD C . -10.92 -0.11 -17.04
C3' FAD C . -9.09 -0.67 -18.53
O3' FAD C . -9.76 -0.75 -19.79
C4' FAD C . -7.79 -1.46 -18.62
O4' FAD C . -7.00 -1.21 -17.46
C5' FAD C . -7.00 -1.14 -19.88
O5' FAD C . -5.87 -0.32 -19.52
P FAD C . -6.04 1.24 -19.32
O1P FAD C . -6.59 1.86 -20.60
O2P FAD C . -6.81 1.55 -18.09
O3P FAD C . -4.55 1.74 -19.15
PA FAD D . 5.12 -9.12 17.43
O1A FAD D . 6.05 -8.15 18.04
O2A FAD D . 4.26 -9.91 18.41
O5B FAD D . 4.19 -8.41 16.40
C5B FAD D . 3.14 -7.51 16.83
C4B FAD D . 3.40 -6.13 16.27
O4B FAD D . 3.19 -5.15 17.30
C3B FAD D . 4.81 -5.88 15.77
O3B FAD D . 4.97 -6.33 14.43
C2B FAD D . 4.91 -4.36 15.88
O2B FAD D . 4.24 -3.75 14.80
C1B FAD D . 4.15 -4.11 17.18
N9A FAD D . 4.98 -4.11 18.38
C8A FAD D . 5.57 -5.20 18.97
N7A FAD D . 6.26 -4.92 20.05
C5A FAD D . 6.11 -3.55 20.18
C6A FAD D . 6.61 -2.63 21.13
N6A FAD D . 7.38 -2.98 22.17
N1A FAD D . 6.27 -1.33 20.98
C2A FAD D . 5.50 -0.98 19.95
N3A FAD D . 4.98 -1.76 18.99
C4A FAD D . 5.33 -3.04 19.17
N1 FAD D . 12.94 -12.47 13.07
C2 FAD D . 14.25 -12.22 13.38
O2 FAD D . 14.63 -12.03 14.54
N3 FAD D . 15.19 -12.17 12.37
C4 FAD D . 14.95 -12.35 11.02
O4 FAD D . 15.87 -12.28 10.21
C4X FAD D . 13.55 -12.62 10.70
N5 FAD D . 13.23 -12.80 9.45
C5X FAD D . 11.90 -13.06 9.16
C6 FAD D . 11.54 -13.27 7.83
C7 FAD D . 10.22 -13.53 7.48
C7M FAD D . 9.86 -13.74 6.03
C8 FAD D . 9.24 -13.58 8.48
C8M FAD D . 7.80 -13.87 8.13
C9 FAD D . 9.59 -13.39 9.81
C9A FAD D . 10.92 -13.13 10.16
N10 FAD D . 11.32 -12.91 11.49
C10 FAD D . 12.62 -12.66 11.80
C1' FAD D . 10.33 -12.96 12.58
C2' FAD D . 9.57 -11.66 12.77
O2' FAD D . 10.44 -10.64 13.25
C3' FAD D . 8.43 -11.87 13.76
O3' FAD D . 8.89 -11.52 15.06
C4' FAD D . 7.86 -13.29 13.80
O4' FAD D . 7.24 -13.59 12.56
C5' FAD D . 6.88 -13.47 14.94
O5' FAD D . 6.90 -12.31 15.79
P FAD D . 5.58 -11.70 16.39
O1P FAD D . 4.44 -11.82 15.37
O2P FAD D . 5.30 -12.29 17.71
O3P FAD D . 5.93 -10.16 16.54
#